data_4Q3C
#
_entry.id   4Q3C
#
_cell.length_a   87.250
_cell.length_b   259.770
_cell.length_c   48.930
_cell.angle_alpha   90.00
_cell.angle_beta   90.00
_cell.angle_gamma   90.00
#
_symmetry.space_group_name_H-M   'P 21 21 2'
#
loop_
_entity.id
_entity.type
_entity.pdbx_description
1 polymer 'PylD, pyrrolysine synthase'
2 non-polymer NICOTINAMIDE-ADENINE-DINUCLEOTIDE
3 non-polymer 'SODIUM ION'
4 non-polymer 'MAGNESIUM ION'
5 non-polymer N~6~-L-lysyl-L-lysine
6 non-polymer GLYCEROL
7 non-polymer 1,2-ETHANEDIOL
8 non-polymer DI(HYDROXYETHYL)ETHER
9 water water
#
_entity_poly.entity_id   1
_entity_poly.type   'polypeptide(L)'
_entity_poly.pdbx_seq_one_letter_code
;SMALLTPDDLININMQLQKADSAVQEVTGLDIKGICKALYGTFSSSEKVGIVPVTSGNGIIGNFSASLHAITQYFGFDSF
VTDMPDVSGYYEAVQNGAEIILMADDRTFLAHNLKNGKMANNQPCTGIIYAEIASRYLKADSKDVLVVGLGKVGFPGAEH
LVQKDFRVYGYDADETLLERATSNLGIIPFDPANPKKFSIIFEATPCANTIPEAVLSENCVLSTPGIPCAISEELRDKYE
VQLIAEPLGIGTASMLYSVL
;
_entity_poly.pdbx_strand_id   A,B,C,D
#
loop_
_chem_comp.id
_chem_comp.type
_chem_comp.name
_chem_comp.formula
EDO non-polymer 1,2-ETHANEDIOL 'C2 H6 O2'
GOL non-polymer GLYCEROL 'C3 H8 O3'
MG non-polymer 'MAGNESIUM ION' 'Mg 2'
NA non-polymer 'SODIUM ION' 'Na 1'
NAD non-polymer NICOTINAMIDE-ADENINE-DINUCLEOTIDE 'C21 H27 N7 O14 P2'
PEG non-polymer DI(HYDROXYETHYL)ETHER 'C4 H10 O3'
#
# COMPACT_ATOMS: atom_id res chain seq x y z
N MET A 2 -16.00 1.49 23.40
CA MET A 2 -17.29 1.56 24.15
C MET A 2 -17.99 0.20 24.20
N ALA A 3 -17.90 -0.57 23.11
CA ALA A 3 -18.43 -1.93 23.08
C ALA A 3 -17.34 -2.90 23.57
N LEU A 4 -17.55 -3.50 24.75
CA LEU A 4 -16.55 -4.39 25.38
C LEU A 4 -17.02 -5.81 25.67
N LEU A 5 -16.16 -6.78 25.38
CA LEU A 5 -16.43 -8.17 25.77
C LEU A 5 -16.84 -8.35 27.20
N THR A 6 -17.74 -9.30 27.45
CA THR A 6 -18.04 -9.75 28.82
C THR A 6 -17.56 -11.18 29.02
N PRO A 7 -17.49 -11.64 30.28
CA PRO A 7 -17.13 -13.04 30.48
C PRO A 7 -18.05 -14.04 29.79
N ASP A 8 -19.33 -13.75 29.71
CA ASP A 8 -20.27 -14.68 29.03
C ASP A 8 -19.96 -14.90 27.57
N ASP A 9 -19.45 -13.86 26.91
CA ASP A 9 -19.12 -13.92 25.50
C ASP A 9 -18.05 -14.95 25.19
N LEU A 10 -17.26 -15.30 26.21
CA LEU A 10 -16.03 -16.10 26.07
C LEU A 10 -16.15 -17.49 26.69
N ILE A 11 -17.32 -17.85 27.22
CA ILE A 11 -17.59 -19.23 27.68
C ILE A 11 -17.26 -20.25 26.57
N ASN A 12 -16.63 -21.34 26.98
CA ASN A 12 -16.15 -22.43 26.09
C ASN A 12 -15.57 -21.94 24.78
N ILE A 13 -14.59 -21.06 24.89
CA ILE A 13 -13.85 -20.51 23.78
C ILE A 13 -13.29 -21.58 22.83
N ASN A 14 -12.93 -22.76 23.34
CA ASN A 14 -12.38 -23.81 22.45
C ASN A 14 -13.44 -24.35 21.45
N MET A 15 -14.67 -24.53 21.92
CA MET A 15 -15.79 -24.95 21.05
C MET A 15 -16.16 -23.87 20.05
N GLN A 16 -16.33 -22.64 20.54
CA GLN A 16 -16.51 -21.46 19.66
C GLN A 16 -15.46 -21.43 18.57
N LEU A 17 -14.22 -21.71 18.95
CA LEU A 17 -13.16 -21.63 17.96
C LEU A 17 -13.18 -22.79 16.97
N GLN A 18 -13.36 -24.01 17.49
CA GLN A 18 -13.56 -25.16 16.65
C GLN A 18 -14.68 -24.91 15.67
N LYS A 19 -15.84 -24.48 16.17
CA LYS A 19 -16.99 -24.19 15.30
C LYS A 19 -16.75 -23.11 14.23
N ALA A 20 -16.00 -22.05 14.57
CA ALA A 20 -15.77 -21.01 13.58
C ALA A 20 -14.82 -21.51 12.50
N ASP A 21 -13.81 -22.28 12.92
CA ASP A 21 -12.82 -22.83 11.99
C ASP A 21 -13.50 -23.78 10.96
N SER A 22 -14.43 -24.62 11.42
CA SER A 22 -15.22 -25.48 10.48
C SER A 22 -16.01 -24.64 9.53
N ALA A 23 -16.68 -23.59 10.03
CA ALA A 23 -17.41 -22.70 9.13
C ALA A 23 -16.51 -22.02 8.10
N VAL A 24 -15.32 -21.59 8.53
CA VAL A 24 -14.38 -20.96 7.61
C VAL A 24 -13.98 -21.99 6.52
N GLN A 25 -13.73 -23.24 6.91
CA GLN A 25 -13.38 -24.30 5.94
C GLN A 25 -14.49 -24.61 4.89
N GLU A 26 -15.72 -24.65 5.37
CA GLU A 26 -16.89 -24.86 4.52
C GLU A 26 -17.04 -23.74 3.50
N VAL A 27 -16.88 -22.49 3.95
CA VAL A 27 -17.09 -21.32 3.11
C VAL A 27 -15.96 -21.14 2.10
N THR A 28 -14.70 -21.31 2.54
CA THR A 28 -13.56 -20.92 1.72
C THR A 28 -12.68 -22.03 1.21
N GLY A 29 -12.73 -23.18 1.85
CA GLY A 29 -11.91 -24.33 1.49
C GLY A 29 -10.64 -24.28 2.32
N LEU A 30 -10.42 -23.23 3.10
CA LEU A 30 -9.21 -23.16 3.95
C LEU A 30 -9.60 -23.12 5.44
N ASP A 31 -8.76 -23.63 6.34
CA ASP A 31 -8.95 -23.36 7.77
C ASP A 31 -8.35 -21.95 8.10
N ILE A 32 -8.51 -21.48 9.35
CA ILE A 32 -7.98 -20.15 9.78
C ILE A 32 -6.47 -19.98 9.54
N LYS A 33 -5.68 -21.00 9.84
CA LYS A 33 -4.27 -20.98 9.47
C LYS A 33 -4.06 -20.72 8.01
N GLY A 34 -4.83 -21.41 7.20
CA GLY A 34 -4.70 -21.22 5.76
C GLY A 34 -5.02 -19.79 5.31
N ILE A 35 -6.08 -19.20 5.88
CA ILE A 35 -6.47 -17.84 5.57
C ILE A 35 -5.33 -16.92 5.96
N CYS A 36 -4.81 -17.10 7.16
CA CYS A 36 -3.69 -16.29 7.64
C CYS A 36 -2.45 -16.40 6.75
N LYS A 37 -2.21 -17.59 6.21
CA LYS A 37 -1.08 -17.80 5.30
C LYS A 37 -1.35 -17.07 3.97
N ALA A 38 -2.60 -17.07 3.51
CA ALA A 38 -2.93 -16.26 2.32
C ALA A 38 -2.69 -14.77 2.48
N LEU A 39 -3.00 -14.25 3.66
CA LEU A 39 -2.92 -12.83 3.97
C LEU A 39 -1.53 -12.36 4.20
N TYR A 40 -0.74 -13.17 4.89
CA TYR A 40 0.54 -12.75 5.47
C TYR A 40 1.73 -13.57 5.04
N GLY A 41 1.51 -14.73 4.39
CA GLY A 41 2.62 -15.60 4.01
C GLY A 41 3.25 -16.33 5.19
N THR A 42 2.66 -16.23 6.36
CA THR A 42 3.34 -16.72 7.56
C THR A 42 2.67 -17.95 8.17
N PHE A 43 3.40 -18.62 9.06
CA PHE A 43 2.94 -19.82 9.79
C PHE A 43 3.64 -19.88 11.15
N SER A 44 2.99 -20.55 12.12
CA SER A 44 3.53 -20.62 13.49
C SER A 44 4.70 -21.59 13.58
N SER A 45 5.66 -21.27 14.44
CA SER A 45 6.77 -22.17 14.77
C SER A 45 7.01 -22.16 16.27
N SER A 46 5.95 -22.24 17.06
CA SER A 46 6.07 -22.33 18.52
C SER A 46 6.68 -21.07 19.16
N GLU A 47 6.47 -19.91 18.52
CA GLU A 47 6.96 -18.66 19.06
C GLU A 47 6.37 -18.47 20.43
N LYS A 48 7.18 -17.86 21.29
CA LYS A 48 6.81 -17.66 22.67
C LYS A 48 6.01 -16.37 22.85
N VAL A 49 4.79 -16.51 23.38
CA VAL A 49 3.85 -15.44 23.48
C VAL A 49 3.49 -15.17 24.92
N GLY A 50 3.77 -13.92 25.35
CA GLY A 50 3.43 -13.51 26.70
C GLY A 50 2.17 -12.68 26.74
N ILE A 51 1.23 -13.15 27.55
CA ILE A 51 -0.10 -12.56 27.65
C ILE A 51 -0.16 -11.86 28.96
N VAL A 52 -0.31 -10.54 28.89
CA VAL A 52 -0.31 -9.74 30.07
C VAL A 52 -1.68 -9.17 30.43
N PRO A 53 -2.29 -9.63 31.55
CA PRO A 53 -3.47 -8.93 32.04
C PRO A 53 -3.18 -7.43 32.33
N VAL A 54 -4.17 -6.59 32.12
CA VAL A 54 -4.10 -5.13 32.27
C VAL A 54 -5.34 -4.62 33.04
N THR A 55 -5.10 -3.88 34.12
CA THR A 55 -6.15 -3.41 34.99
C THR A 55 -6.64 -1.97 34.76
N SER A 56 -6.28 -1.34 33.66
CA SER A 56 -6.72 0.04 33.47
C SER A 56 -8.15 0.11 32.95
N GLY A 57 -8.76 1.27 33.05
CA GLY A 57 -10.13 1.45 32.61
C GLY A 57 -11.04 0.56 33.42
N ASN A 58 -11.91 -0.15 32.72
CA ASN A 58 -12.86 -1.04 33.36
C ASN A 58 -12.16 -2.25 33.96
N GLY A 59 -10.89 -2.43 33.63
CA GLY A 59 -10.09 -3.44 34.30
C GLY A 59 -10.07 -4.79 33.63
N ILE A 60 -9.59 -5.76 34.38
CA ILE A 60 -9.45 -7.14 33.94
C ILE A 60 -10.81 -7.71 33.64
N ILE A 61 -10.96 -8.24 32.43
CA ILE A 61 -12.19 -8.88 32.03
C ILE A 61 -12.12 -10.39 32.26
N GLY A 62 -13.04 -10.87 33.08
CA GLY A 62 -13.22 -12.34 33.31
C GLY A 62 -13.09 -13.18 32.06
N ASN A 63 -12.26 -14.23 32.11
CA ASN A 63 -12.01 -15.12 30.97
C ASN A 63 -11.14 -14.53 29.82
N PHE A 64 -10.79 -13.24 29.85
CA PHE A 64 -10.05 -12.65 28.71
C PHE A 64 -8.66 -13.26 28.48
N SER A 65 -7.81 -13.31 29.49
CA SER A 65 -6.48 -13.86 29.27
C SER A 65 -6.51 -15.39 29.18
N ALA A 66 -7.41 -16.04 29.90
CA ALA A 66 -7.55 -17.52 29.74
C ALA A 66 -7.90 -17.87 28.29
N SER A 67 -8.79 -17.09 27.67
CA SER A 67 -9.20 -17.32 26.30
C SER A 67 -8.04 -17.08 25.34
N LEU A 68 -7.25 -16.02 25.57
CA LEU A 68 -6.07 -15.76 24.74
C LEU A 68 -5.04 -16.88 24.86
N HIS A 69 -4.87 -17.38 26.07
CA HIS A 69 -4.03 -18.54 26.35
C HIS A 69 -4.54 -19.74 25.46
N ALA A 70 -5.83 -19.99 25.51
CA ALA A 70 -6.45 -21.09 24.68
C ALA A 70 -6.27 -20.90 23.16
N ILE A 71 -6.70 -19.74 22.67
CA ILE A 71 -6.51 -19.31 21.28
C ILE A 71 -5.09 -19.53 20.78
N THR A 72 -4.11 -19.01 21.53
CA THR A 72 -2.74 -19.02 21.09
C THR A 72 -2.19 -20.43 21.08
N GLN A 73 -2.49 -21.18 22.11
CA GLN A 73 -2.18 -22.62 22.10
C GLN A 73 -2.77 -23.33 20.86
N TYR A 74 -4.02 -23.00 20.52
CA TYR A 74 -4.76 -23.67 19.42
C TYR A 74 -4.00 -23.51 18.12
N PHE A 75 -3.37 -22.34 17.94
CA PHE A 75 -2.65 -22.04 16.71
C PHE A 75 -1.17 -22.41 16.76
N GLY A 76 -0.74 -23.11 17.82
CA GLY A 76 0.62 -23.64 17.94
C GLY A 76 1.65 -22.63 18.53
N PHE A 77 1.23 -21.61 19.27
CA PHE A 77 2.21 -20.72 19.94
C PHE A 77 2.52 -21.23 21.35
N ASP A 78 3.76 -21.01 21.80
CA ASP A 78 4.15 -21.36 23.14
C ASP A 78 3.76 -20.23 24.07
N SER A 79 2.50 -20.23 24.49
CA SER A 79 1.99 -19.04 25.22
C SER A 79 1.88 -19.26 26.71
N PHE A 80 1.89 -18.14 27.42
CA PHE A 80 1.71 -18.09 28.84
C PHE A 80 1.14 -16.73 29.27
N VAL A 81 0.51 -16.76 30.45
CA VAL A 81 -0.13 -15.62 31.05
C VAL A 81 0.70 -15.25 32.26
N THR A 82 1.07 -13.96 32.39
CA THR A 82 1.88 -13.52 33.53
C THR A 82 1.04 -13.47 34.81
N ASP A 83 1.64 -13.75 35.95
CA ASP A 83 0.96 -13.63 37.24
C ASP A 83 0.64 -12.18 37.60
N MET A 84 1.55 -11.25 37.30
CA MET A 84 1.35 -9.81 37.59
C MET A 84 0.70 -9.16 36.41
N PRO A 85 -0.08 -8.09 36.64
CA PRO A 85 -0.65 -7.31 35.55
C PRO A 85 0.18 -6.02 35.21
N ASP A 86 -0.22 -5.30 34.18
CA ASP A 86 0.28 -3.94 33.90
C ASP A 86 1.78 -3.94 33.62
N VAL A 87 2.54 -2.99 34.18
CA VAL A 87 3.94 -2.87 33.85
C VAL A 87 4.72 -4.01 34.47
N SER A 88 4.38 -4.36 35.70
CA SER A 88 5.03 -5.47 36.39
C SER A 88 4.87 -6.79 35.57
N GLY A 89 3.72 -6.96 34.93
CA GLY A 89 3.41 -8.17 34.13
C GLY A 89 4.21 -8.14 32.84
N TYR A 90 4.33 -6.95 32.25
CA TYR A 90 5.13 -6.78 31.04
C TYR A 90 6.56 -7.17 31.32
N TYR A 91 7.07 -6.77 32.46
CA TYR A 91 8.45 -7.07 32.82
C TYR A 91 8.61 -8.61 32.99
N GLU A 92 7.71 -9.17 33.77
CA GLU A 92 7.63 -10.64 33.94
C GLU A 92 7.67 -11.39 32.58
N ALA A 93 6.83 -10.97 31.65
CA ALA A 93 6.85 -11.51 30.30
C ALA A 93 8.16 -11.39 29.54
N VAL A 94 8.72 -10.16 29.46
CA VAL A 94 9.98 -10.00 28.74
C VAL A 94 11.06 -10.83 29.42
N GLN A 95 11.07 -10.82 30.74
CA GLN A 95 12.09 -11.55 31.47
C GLN A 95 11.92 -13.09 31.32
N ASN A 96 10.69 -13.55 31.19
CA ASN A 96 10.45 -14.98 30.97
C ASN A 96 10.54 -15.43 29.52
N GLY A 97 11.20 -14.61 28.69
CA GLY A 97 11.48 -14.96 27.30
C GLY A 97 10.37 -14.79 26.25
N ALA A 98 9.30 -14.04 26.51
CA ALA A 98 8.34 -13.73 25.46
C ALA A 98 9.02 -13.11 24.25
N GLU A 99 8.63 -13.55 23.07
CA GLU A 99 9.02 -12.93 21.81
C GLU A 99 7.93 -12.03 21.27
N ILE A 100 6.70 -12.30 21.64
CA ILE A 100 5.53 -11.53 21.23
C ILE A 100 4.76 -11.21 22.50
N ILE A 101 4.32 -9.97 22.64
CA ILE A 101 3.59 -9.54 23.79
C ILE A 101 2.19 -9.30 23.29
N LEU A 102 1.24 -9.79 24.07
CA LEU A 102 -0.14 -9.61 23.75
C LEU A 102 -0.81 -8.99 24.97
N MET A 103 -1.40 -7.81 24.81
CA MET A 103 -2.07 -7.18 25.92
C MET A 103 -3.09 -6.16 25.44
N ALA A 104 -4.09 -5.88 26.27
CA ALA A 104 -5.09 -4.91 25.88
C ALA A 104 -5.56 -3.98 26.95
N ASP A 105 -5.87 -2.74 26.56
CA ASP A 105 -6.63 -1.87 27.43
C ASP A 105 -7.98 -1.63 26.77
N ASP A 106 -8.77 -0.69 27.25
CA ASP A 106 -10.14 -0.56 26.74
C ASP A 106 -10.23 -0.01 25.33
N ARG A 107 -9.14 0.54 24.80
CA ARG A 107 -9.12 1.16 23.47
C ARG A 107 -8.21 0.49 22.46
N THR A 108 -7.21 -0.24 22.95
CA THR A 108 -6.19 -0.90 22.12
C THR A 108 -5.84 -2.30 22.61
N PHE A 109 -6.03 -3.27 21.71
CA PHE A 109 -5.55 -4.63 21.87
C PHE A 109 -4.45 -4.79 20.80
N LEU A 110 -3.25 -5.13 21.25
CA LEU A 110 -2.11 -5.17 20.37
C LEU A 110 -1.32 -6.44 20.54
N ALA A 111 -0.51 -6.75 19.53
CA ALA A 111 0.50 -7.79 19.61
C ALA A 111 1.77 -7.13 19.17
N HIS A 112 2.84 -7.28 19.94
CA HIS A 112 4.14 -6.72 19.60
C HIS A 112 5.20 -7.82 19.57
N ASN A 113 5.78 -8.05 18.40
CA ASN A 113 6.88 -9.01 18.20
C ASN A 113 8.21 -8.27 18.44
N LEU A 114 8.83 -8.60 19.56
CA LEU A 114 10.05 -7.98 20.02
C LEU A 114 11.24 -8.36 19.15
N LYS A 115 11.13 -9.39 18.34
CA LYS A 115 12.29 -9.86 17.57
C LYS A 115 12.42 -9.19 16.23
N ASN A 116 11.31 -8.85 15.62
CA ASN A 116 11.36 -8.23 14.30
C ASN A 116 10.71 -6.89 14.30
N GLY A 117 10.20 -6.43 15.44
CA GLY A 117 9.63 -5.09 15.55
C GLY A 117 8.21 -4.94 15.03
N LYS A 118 7.59 -5.98 14.48
CA LYS A 118 6.23 -5.78 13.97
C LYS A 118 5.20 -5.66 15.11
N MET A 119 4.20 -4.80 14.91
CA MET A 119 3.12 -4.60 15.88
C MET A 119 1.80 -4.48 15.13
N ALA A 120 0.78 -5.16 15.68
CA ALA A 120 -0.58 -5.25 15.13
C ALA A 120 -1.59 -4.64 16.08
N ASN A 121 -2.64 -4.03 15.55
CA ASN A 121 -3.78 -3.54 16.30
C ASN A 121 -4.94 -4.43 15.95
N ASN A 122 -5.65 -4.92 16.95
CA ASN A 122 -6.79 -5.83 16.77
C ASN A 122 -7.85 -5.34 15.80
N GLN A 123 -8.07 -4.01 15.77
CA GLN A 123 -9.18 -3.49 14.97
C GLN A 123 -9.02 -3.66 13.43
N PRO A 124 -7.95 -3.17 12.82
CA PRO A 124 -7.74 -3.49 11.41
C PRO A 124 -7.50 -4.97 11.16
N CYS A 125 -6.80 -5.64 12.06
CA CYS A 125 -6.51 -7.06 11.85
C CYS A 125 -7.78 -7.92 11.80
N THR A 126 -8.77 -7.58 12.61
CA THR A 126 -10.05 -8.22 12.61
C THR A 126 -10.88 -7.92 11.35
N GLY A 127 -10.94 -6.65 10.95
CA GLY A 127 -11.69 -6.26 9.75
C GLY A 127 -11.07 -6.91 8.52
N ILE A 128 -9.75 -6.86 8.45
CA ILE A 128 -9.06 -7.46 7.32
C ILE A 128 -9.41 -8.98 7.22
N ILE A 129 -9.28 -9.75 8.30
CA ILE A 129 -9.48 -11.22 8.16
C ILE A 129 -10.93 -11.63 7.92
N TYR A 130 -11.86 -10.95 8.61
CA TYR A 130 -13.26 -11.19 8.39
C TYR A 130 -13.70 -10.83 6.98
N ALA A 131 -13.12 -9.79 6.42
CA ALA A 131 -13.41 -9.41 5.04
C ALA A 131 -12.79 -10.40 4.07
N GLU A 132 -11.54 -10.77 4.33
CA GLU A 132 -10.87 -11.74 3.49
C GLU A 132 -11.72 -13.05 3.45
N ILE A 133 -12.17 -13.49 4.61
CA ILE A 133 -12.89 -14.73 4.71
C ILE A 133 -14.17 -14.62 3.84
N ALA A 134 -14.86 -13.47 4.00
CA ALA A 134 -16.07 -13.22 3.28
C ALA A 134 -15.84 -13.33 1.79
N SER A 135 -14.70 -12.81 1.35
CA SER A 135 -14.44 -12.65 -0.07
C SER A 135 -14.07 -13.94 -0.77
N ARG A 136 -13.74 -14.96 0.02
CA ARG A 136 -13.19 -16.17 -0.48
C ARG A 136 -14.27 -17.27 -0.54
N TYR A 137 -15.52 -16.89 -0.32
CA TYR A 137 -16.69 -17.75 -0.45
C TYR A 137 -16.72 -18.40 -1.81
N LEU A 138 -16.48 -19.73 -1.80
CA LEU A 138 -16.16 -20.48 -3.00
C LEU A 138 -17.29 -20.37 -4.02
N LYS A 139 -18.52 -20.38 -3.52
CA LYS A 139 -19.67 -20.49 -4.39
C LYS A 139 -20.46 -19.20 -4.45
N ALA A 140 -19.78 -18.06 -4.29
CA ALA A 140 -20.41 -16.73 -4.35
C ALA A 140 -20.93 -16.30 -5.73
N ASP A 141 -20.17 -16.55 -6.79
CA ASP A 141 -20.64 -16.18 -8.13
C ASP A 141 -20.87 -14.68 -8.32
N SER A 142 -20.06 -13.86 -7.62
CA SER A 142 -20.08 -12.41 -7.77
C SER A 142 -18.89 -11.79 -7.00
N LYS A 143 -18.47 -10.61 -7.40
CA LYS A 143 -17.46 -9.89 -6.65
C LYS A 143 -18.10 -8.69 -6.03
N ASP A 144 -19.42 -8.75 -5.89
CA ASP A 144 -20.16 -7.69 -5.20
C ASP A 144 -20.11 -8.02 -3.72
N VAL A 145 -19.65 -7.06 -2.92
CA VAL A 145 -19.62 -7.24 -1.48
C VAL A 145 -20.31 -6.09 -0.80
N LEU A 146 -21.21 -6.38 0.13
CA LEU A 146 -21.85 -5.36 0.99
C LEU A 146 -21.11 -5.32 2.32
N VAL A 147 -20.72 -4.12 2.73
CA VAL A 147 -20.07 -3.90 4.00
C VAL A 147 -20.93 -2.96 4.87
N VAL A 148 -21.37 -3.48 6.01
CA VAL A 148 -22.24 -2.75 6.93
C VAL A 148 -21.46 -2.54 8.21
N GLY A 149 -21.25 -1.26 8.52
CA GLY A 149 -20.31 -0.84 9.54
C GLY A 149 -18.98 -0.37 8.93
N LEU A 150 -18.70 0.94 9.01
CA LEU A 150 -17.43 1.50 8.52
C LEU A 150 -16.61 2.25 9.57
N GLY A 151 -16.62 1.74 10.79
CA GLY A 151 -15.75 2.28 11.85
C GLY A 151 -14.38 1.63 11.91
N LYS A 152 -13.83 1.49 13.12
CA LYS A 152 -12.45 1.04 13.31
C LYS A 152 -12.18 -0.35 12.77
N VAL A 153 -13.21 -1.20 12.74
CA VAL A 153 -13.06 -2.55 12.16
C VAL A 153 -13.52 -2.58 10.69
N GLY A 154 -14.69 -2.01 10.43
CA GLY A 154 -15.28 -2.01 9.10
C GLY A 154 -14.48 -1.33 8.01
N PHE A 155 -13.97 -0.14 8.30
CA PHE A 155 -13.24 0.63 7.31
C PHE A 155 -12.02 -0.13 6.77
N PRO A 156 -11.16 -0.71 7.64
CA PRO A 156 -10.05 -1.46 7.09
C PRO A 156 -10.45 -2.71 6.34
N GLY A 157 -11.58 -3.30 6.70
CA GLY A 157 -12.07 -4.45 5.92
C GLY A 157 -12.48 -4.03 4.53
N ALA A 158 -13.19 -2.92 4.43
CA ALA A 158 -13.65 -2.45 3.12
C ALA A 158 -12.45 -2.07 2.28
N GLU A 159 -11.50 -1.38 2.89
CA GLU A 159 -10.24 -1.00 2.26
C GLU A 159 -9.48 -2.20 1.70
N HIS A 160 -9.37 -3.26 2.50
CA HIS A 160 -8.74 -4.53 2.07
C HIS A 160 -9.43 -5.07 0.82
N LEU A 161 -10.74 -5.00 0.87
CA LEU A 161 -11.59 -5.56 -0.18
C LEU A 161 -11.42 -4.77 -1.47
N VAL A 162 -11.29 -3.43 -1.37
CA VAL A 162 -11.09 -2.59 -2.54
C VAL A 162 -9.69 -2.90 -3.11
N GLN A 163 -8.69 -3.03 -2.23
CA GLN A 163 -7.33 -3.37 -2.68
C GLN A 163 -7.33 -4.76 -3.37
N LYS A 164 -8.18 -5.67 -2.88
CA LYS A 164 -8.30 -7.00 -3.48
C LYS A 164 -9.15 -7.02 -4.76
N ASP A 165 -9.59 -5.85 -5.22
CA ASP A 165 -10.30 -5.70 -6.50
C ASP A 165 -11.70 -6.35 -6.46
N PHE A 166 -12.36 -6.23 -5.32
CA PHE A 166 -13.78 -6.54 -5.20
C PHE A 166 -14.53 -5.26 -5.42
N ARG A 167 -15.80 -5.39 -5.75
CA ARG A 167 -16.66 -4.26 -6.07
C ARG A 167 -17.42 -4.04 -4.77
N VAL A 168 -17.01 -3.03 -4.01
CA VAL A 168 -17.49 -2.91 -2.65
C VAL A 168 -18.58 -1.85 -2.51
N TYR A 169 -19.70 -2.25 -1.91
CA TYR A 169 -20.84 -1.37 -1.58
C TYR A 169 -20.85 -1.18 -0.06
N GLY A 170 -20.81 0.05 0.43
CA GLY A 170 -20.78 0.30 1.89
C GLY A 170 -21.96 1.07 2.45
N TYR A 171 -22.35 0.73 3.68
CA TYR A 171 -23.35 1.51 4.44
C TYR A 171 -22.95 1.67 5.91
N ASP A 172 -23.11 2.88 6.45
CA ASP A 172 -23.03 3.11 7.89
C ASP A 172 -24.19 4.02 8.25
N ALA A 173 -24.84 3.78 9.39
CA ALA A 173 -25.96 4.61 9.81
C ALA A 173 -25.50 6.05 10.05
N ASP A 174 -24.22 6.22 10.32
CA ASP A 174 -23.62 7.54 10.47
C ASP A 174 -23.13 8.07 9.13
N GLU A 175 -23.79 9.11 8.62
CA GLU A 175 -23.52 9.61 7.26
C GLU A 175 -22.10 10.17 7.08
N THR A 176 -21.53 10.68 8.16
CA THR A 176 -20.16 11.17 8.18
C THR A 176 -19.16 10.06 7.88
N LEU A 177 -19.38 8.88 8.48
CA LEU A 177 -18.50 7.75 8.25
C LEU A 177 -18.71 7.15 6.86
N LEU A 178 -19.94 7.18 6.36
CA LEU A 178 -20.19 6.72 4.99
C LEU A 178 -19.48 7.66 3.99
N GLU A 179 -19.58 8.95 4.25
CA GLU A 179 -18.91 9.97 3.44
C GLU A 179 -17.38 9.84 3.40
N ARG A 180 -16.77 9.63 4.56
CA ARG A 180 -15.33 9.44 4.62
C ARG A 180 -14.89 8.19 3.87
N ALA A 181 -15.62 7.08 4.04
CA ALA A 181 -15.30 5.88 3.30
C ALA A 181 -15.44 6.05 1.79
N THR A 182 -16.49 6.74 1.35
CA THR A 182 -16.67 6.92 -0.09
C THR A 182 -15.60 7.88 -0.64
N SER A 183 -15.24 8.93 0.10
CA SER A 183 -14.29 9.86 -0.48
C SER A 183 -12.84 9.45 -0.23
N ASN A 184 -12.56 8.52 0.69
CA ASN A 184 -11.18 8.08 0.87
C ASN A 184 -10.85 6.74 0.17
N LEU A 185 -11.85 5.89 -0.05
CA LEU A 185 -11.63 4.54 -0.66
C LEU A 185 -12.23 4.32 -2.04
N GLY A 186 -13.27 5.08 -2.35
CA GLY A 186 -13.98 4.96 -3.62
C GLY A 186 -15.05 3.90 -3.62
N ILE A 187 -15.45 3.41 -2.46
CA ILE A 187 -16.55 2.45 -2.39
C ILE A 187 -17.83 3.11 -2.92
N ILE A 188 -18.76 2.28 -3.37
CA ILE A 188 -20.08 2.71 -3.82
C ILE A 188 -21.00 2.85 -2.60
N PRO A 189 -21.62 4.03 -2.40
CA PRO A 189 -22.47 4.13 -1.20
C PRO A 189 -23.73 3.29 -1.37
N PHE A 190 -24.05 2.41 -0.44
CA PHE A 190 -25.25 1.55 -0.55
C PHE A 190 -26.47 2.26 0.00
N ASP A 191 -27.62 2.06 -0.62
CA ASP A 191 -28.90 2.60 -0.13
C ASP A 191 -29.91 1.49 0.25
N PRO A 192 -30.24 1.38 1.56
CA PRO A 192 -31.25 0.41 2.03
C PRO A 192 -32.61 0.49 1.31
N ALA A 193 -32.94 1.69 0.81
CA ALA A 193 -34.19 1.91 0.08
C ALA A 193 -34.17 1.34 -1.35
N ASN A 194 -32.97 1.16 -1.92
CA ASN A 194 -32.83 0.53 -3.23
C ASN A 194 -31.90 -0.68 -3.11
N PRO A 195 -32.36 -1.72 -2.39
CA PRO A 195 -31.51 -2.88 -2.12
C PRO A 195 -31.35 -3.79 -3.33
N LYS A 196 -30.23 -4.51 -3.38
CA LYS A 196 -30.05 -5.62 -4.30
C LYS A 196 -29.57 -6.71 -3.42
N LYS A 197 -29.48 -7.92 -3.98
CA LYS A 197 -29.04 -9.06 -3.21
C LYS A 197 -27.54 -9.28 -3.31
N PHE A 198 -26.96 -9.71 -2.20
CA PHE A 198 -25.56 -10.05 -2.17
C PHE A 198 -25.43 -11.49 -1.73
N SER A 199 -24.45 -12.17 -2.31
CA SER A 199 -24.01 -13.42 -1.76
C SER A 199 -22.82 -13.27 -0.80
N ILE A 200 -22.22 -12.07 -0.74
CA ILE A 200 -21.10 -11.79 0.18
C ILE A 200 -21.41 -10.56 1.03
N ILE A 201 -21.47 -10.75 2.34
CA ILE A 201 -21.77 -9.69 3.29
C ILE A 201 -20.79 -9.66 4.49
N PHE A 202 -20.24 -8.49 4.77
CA PHE A 202 -19.33 -8.31 5.90
C PHE A 202 -19.96 -7.25 6.77
N GLU A 203 -20.22 -7.59 8.03
CA GLU A 203 -20.80 -6.67 9.01
C GLU A 203 -19.89 -6.48 10.21
N ALA A 204 -19.67 -5.22 10.60
CA ALA A 204 -18.81 -4.84 11.74
C ALA A 204 -19.52 -3.74 12.51
N THR A 205 -20.56 -4.16 13.25
CA THR A 205 -21.41 -3.26 14.01
C THR A 205 -21.62 -3.85 15.44
N PRO A 206 -21.88 -3.00 16.45
CA PRO A 206 -22.22 -3.51 17.79
C PRO A 206 -23.72 -3.65 18.03
N CYS A 207 -24.49 -3.80 16.95
CA CYS A 207 -25.95 -3.74 16.97
C CYS A 207 -26.59 -4.97 16.31
N ALA A 208 -27.75 -5.35 16.82
CA ALA A 208 -28.57 -6.45 16.23
C ALA A 208 -29.34 -6.01 14.99
N ASN A 209 -29.72 -6.99 14.16
CA ASN A 209 -30.59 -6.79 12.98
C ASN A 209 -30.22 -5.64 12.05
N THR A 210 -28.94 -5.58 11.69
CA THR A 210 -28.44 -4.55 10.80
C THR A 210 -28.47 -4.99 9.34
N ILE A 211 -28.73 -6.27 9.11
CA ILE A 211 -28.79 -6.84 7.76
C ILE A 211 -30.26 -7.03 7.35
N PRO A 212 -30.76 -6.19 6.41
CA PRO A 212 -32.15 -6.32 5.92
C PRO A 212 -32.41 -7.60 5.12
N GLU A 213 -33.64 -8.09 5.23
CA GLU A 213 -34.03 -9.28 4.50
C GLU A 213 -33.76 -9.10 3.01
N ALA A 214 -33.98 -7.89 2.52
CA ALA A 214 -33.97 -7.67 1.08
C ALA A 214 -32.58 -7.82 0.43
N VAL A 215 -31.51 -7.81 1.24
CA VAL A 215 -30.17 -7.97 0.65
C VAL A 215 -29.60 -9.37 0.73
N LEU A 216 -30.40 -10.30 1.25
CA LEU A 216 -29.95 -11.66 1.43
C LEU A 216 -30.34 -12.48 0.21
N SER A 217 -29.35 -13.19 -0.35
CA SER A 217 -29.63 -14.28 -1.30
C SER A 217 -29.50 -15.58 -0.55
N GLU A 218 -29.96 -16.66 -1.16
CA GLU A 218 -29.88 -17.98 -0.59
C GLU A 218 -28.43 -18.40 -0.43
N ASN A 219 -28.11 -18.97 0.74
CA ASN A 219 -26.79 -19.58 1.08
C ASN A 219 -25.66 -18.58 1.21
N CYS A 220 -26.00 -17.30 1.24
CA CYS A 220 -25.01 -16.29 1.28
C CYS A 220 -24.18 -16.36 2.56
N VAL A 221 -23.06 -15.67 2.50
CA VAL A 221 -22.14 -15.62 3.60
C VAL A 221 -22.24 -14.27 4.27
N LEU A 222 -22.32 -14.34 5.59
CA LEU A 222 -22.29 -13.20 6.48
C LEU A 222 -21.12 -13.42 7.43
N SER A 223 -20.09 -12.59 7.24
CA SER A 223 -18.88 -12.66 8.02
C SER A 223 -18.92 -11.47 8.93
N THR A 224 -19.01 -11.72 10.24
CA THR A 224 -19.15 -10.58 11.15
C THR A 224 -18.46 -10.75 12.50
N PRO A 225 -17.53 -9.83 12.85
CA PRO A 225 -16.98 -9.80 14.18
C PRO A 225 -17.96 -9.21 15.19
N GLY A 226 -19.07 -8.68 14.69
CA GLY A 226 -19.99 -7.90 15.50
C GLY A 226 -20.73 -8.60 16.62
N ILE A 227 -20.86 -7.89 17.74
CA ILE A 227 -21.58 -8.43 18.90
C ILE A 227 -22.67 -7.44 19.30
N PRO A 228 -23.92 -7.89 19.47
CA PRO A 228 -24.50 -9.24 19.22
C PRO A 228 -24.69 -9.51 17.71
N CYS A 229 -25.43 -10.56 17.35
CA CYS A 229 -25.54 -11.02 15.96
C CYS A 229 -26.35 -10.09 15.03
N ALA A 230 -25.77 -9.82 13.85
CA ALA A 230 -26.30 -8.86 12.86
C ALA A 230 -27.63 -9.24 12.22
N ILE A 231 -27.94 -10.53 12.30
CA ILE A 231 -29.10 -11.11 11.65
C ILE A 231 -29.81 -12.02 12.66
N SER A 232 -31.13 -12.01 12.64
CA SER A 232 -31.92 -12.85 13.53
C SER A 232 -31.78 -14.31 13.13
N GLU A 233 -31.94 -15.19 14.09
CA GLU A 233 -32.01 -16.62 13.82
C GLU A 233 -33.01 -16.94 12.71
N GLU A 234 -34.17 -16.29 12.77
CA GLU A 234 -35.24 -16.53 11.80
C GLU A 234 -34.77 -16.29 10.36
N LEU A 235 -34.23 -15.11 10.12
CA LEU A 235 -33.75 -14.76 8.78
C LEU A 235 -32.57 -15.63 8.40
N ARG A 236 -31.73 -15.95 9.37
CA ARG A 236 -30.57 -16.82 9.15
C ARG A 236 -31.02 -18.25 8.72
N ASP A 237 -32.04 -18.79 9.37
CA ASP A 237 -32.60 -20.08 8.97
C ASP A 237 -33.31 -19.97 7.61
N LYS A 238 -34.15 -18.94 7.45
CA LYS A 238 -34.93 -18.77 6.23
C LYS A 238 -34.11 -18.74 4.93
N TYR A 239 -32.89 -18.18 4.98
CA TYR A 239 -32.02 -18.11 3.80
C TYR A 239 -30.78 -19.00 3.91
N GLU A 240 -30.75 -19.87 4.92
CA GLU A 240 -29.57 -20.71 5.25
C GLU A 240 -28.26 -19.95 5.02
N VAL A 241 -28.18 -18.85 5.73
CA VAL A 241 -27.06 -17.96 5.64
C VAL A 241 -25.91 -18.66 6.30
N GLN A 242 -24.73 -18.57 5.70
CA GLN A 242 -23.55 -19.17 6.30
C GLN A 242 -22.84 -18.10 7.12
N LEU A 243 -22.92 -18.31 8.43
CA LEU A 243 -22.41 -17.39 9.41
C LEU A 243 -21.00 -17.73 9.86
N ILE A 244 -20.15 -16.73 9.83
CA ILE A 244 -18.84 -16.78 10.45
C ILE A 244 -18.83 -15.65 11.49
N ALA A 245 -18.83 -16.00 12.77
CA ALA A 245 -18.96 -15.01 13.84
C ALA A 245 -18.42 -15.65 15.10
N GLU A 246 -17.45 -15.00 15.71
CA GLU A 246 -16.70 -15.63 16.77
C GLU A 246 -16.06 -14.48 17.53
N PRO A 247 -15.98 -14.57 18.87
CA PRO A 247 -15.71 -13.30 19.58
C PRO A 247 -14.30 -12.80 19.74
N LEU A 248 -13.28 -13.60 19.51
CA LEU A 248 -11.92 -13.10 19.83
C LEU A 248 -10.81 -13.78 19.04
N GLY A 249 -10.98 -15.07 18.78
CA GLY A 249 -9.92 -15.86 18.23
C GLY A 249 -9.53 -15.67 16.78
N ILE A 250 -10.49 -15.44 15.89
CA ILE A 250 -10.17 -15.19 14.50
C ILE A 250 -9.37 -13.86 14.40
N GLY A 251 -9.81 -12.81 15.08
CA GLY A 251 -9.05 -11.49 15.10
C GLY A 251 -7.69 -11.63 15.75
N THR A 252 -7.62 -12.41 16.81
CA THR A 252 -6.38 -12.67 17.48
C THR A 252 -5.40 -13.41 16.55
N ALA A 253 -5.88 -14.39 15.79
CA ALA A 253 -5.00 -15.11 14.89
C ALA A 253 -4.45 -14.13 13.84
N SER A 254 -5.34 -13.32 13.31
CA SER A 254 -4.95 -12.33 12.33
C SER A 254 -3.82 -11.42 12.90
N MET A 255 -3.96 -10.94 14.12
CA MET A 255 -2.87 -10.09 14.76
C MET A 255 -1.54 -10.86 14.82
N LEU A 256 -1.63 -12.12 15.24
CA LEU A 256 -0.43 -12.90 15.47
C LEU A 256 0.29 -13.25 14.18
N TYR A 257 -0.46 -13.71 13.19
CA TYR A 257 0.18 -14.17 11.95
C TYR A 257 0.76 -12.92 11.21
N SER A 258 0.12 -11.80 11.42
CA SER A 258 0.59 -10.53 10.82
C SER A 258 1.92 -10.03 11.38
N VAL A 259 2.36 -10.47 12.56
CA VAL A 259 3.63 -9.90 13.14
C VAL A 259 4.78 -10.88 13.02
N LEU A 260 4.49 -12.03 12.42
CA LEU A 260 5.47 -13.11 12.29
C LEU A 260 6.39 -12.81 11.15
N MET B 2 21.84 6.74 -20.75
CA MET B 2 20.36 6.55 -20.87
C MET B 2 20.00 5.58 -21.99
N ALA B 3 19.58 4.38 -21.61
CA ALA B 3 18.99 3.48 -22.58
C ALA B 3 17.52 3.86 -22.71
N LEU B 4 17.09 4.08 -23.95
CA LEU B 4 15.71 4.41 -24.25
C LEU B 4 14.97 3.18 -24.77
N LEU B 5 13.70 3.06 -24.42
CA LEU B 5 12.80 2.10 -25.04
C LEU B 5 12.92 2.03 -26.54
N THR B 6 12.80 0.83 -27.09
CA THR B 6 12.63 0.66 -28.51
C THR B 6 11.20 0.17 -28.79
N PRO B 7 10.71 0.38 -30.02
CA PRO B 7 9.36 -0.07 -30.31
C PRO B 7 9.15 -1.56 -30.02
N ASP B 8 10.19 -2.37 -30.22
CA ASP B 8 10.07 -3.82 -29.99
C ASP B 8 9.81 -4.16 -28.51
N ASP B 9 10.32 -3.32 -27.61
CA ASP B 9 10.11 -3.51 -26.18
C ASP B 9 8.65 -3.40 -25.82
N LEU B 10 7.86 -2.73 -26.68
CA LEU B 10 6.47 -2.41 -26.35
C LEU B 10 5.43 -3.23 -27.11
N ILE B 11 5.88 -4.25 -27.82
CA ILE B 11 4.97 -5.17 -28.52
C ILE B 11 4.00 -5.89 -27.60
N ASN B 12 2.72 -5.81 -27.94
CA ASN B 12 1.61 -6.42 -27.21
C ASN B 12 1.69 -6.13 -25.72
N ILE B 13 1.67 -4.85 -25.45
CA ILE B 13 1.79 -4.30 -24.15
C ILE B 13 0.65 -4.70 -23.24
N ASN B 14 -0.57 -4.78 -23.76
CA ASN B 14 -1.64 -5.31 -22.92
C ASN B 14 -1.32 -6.70 -22.34
N MET B 15 -0.68 -7.55 -23.12
CA MET B 15 -0.38 -8.95 -22.66
C MET B 15 0.81 -8.87 -21.66
N GLN B 16 1.77 -8.00 -21.95
CA GLN B 16 2.91 -7.83 -21.04
C GLN B 16 2.39 -7.36 -19.68
N LEU B 17 1.39 -6.50 -19.73
CA LEU B 17 0.79 -5.94 -18.52
C LEU B 17 0.00 -7.01 -17.77
N GLN B 18 -0.83 -7.72 -18.52
CA GLN B 18 -1.58 -8.85 -17.97
C GLN B 18 -0.65 -9.84 -17.24
N LYS B 19 0.46 -10.23 -17.86
CA LYS B 19 1.39 -11.19 -17.24
C LYS B 19 2.09 -10.61 -16.00
N ALA B 20 2.49 -9.34 -16.08
CA ALA B 20 3.15 -8.71 -14.94
C ALA B 20 2.15 -8.63 -13.79
N ASP B 21 0.92 -8.28 -14.10
CA ASP B 21 -0.12 -8.22 -13.06
C ASP B 21 -0.36 -9.57 -12.33
N SER B 22 -0.34 -10.68 -13.06
CA SER B 22 -0.46 -12.01 -12.44
C SER B 22 0.73 -12.31 -11.55
N ALA B 23 1.91 -11.97 -12.05
CA ALA B 23 3.15 -12.21 -11.30
C ALA B 23 3.16 -11.40 -9.98
N VAL B 24 2.61 -10.20 -10.05
CA VAL B 24 2.61 -9.34 -8.87
C VAL B 24 1.61 -9.86 -7.84
N GLN B 25 0.46 -10.26 -8.31
CA GLN B 25 -0.51 -10.93 -7.46
C GLN B 25 -0.01 -12.19 -6.73
N GLU B 26 0.74 -13.02 -7.43
CA GLU B 26 1.25 -14.26 -6.85
C GLU B 26 2.33 -13.95 -5.79
N VAL B 27 3.14 -12.93 -6.05
CA VAL B 27 4.19 -12.51 -5.10
C VAL B 27 3.56 -11.86 -3.86
N THR B 28 2.71 -10.84 -4.08
CA THR B 28 2.22 -9.94 -3.02
C THR B 28 0.83 -10.22 -2.47
N GLY B 29 0.00 -10.97 -3.21
CA GLY B 29 -1.43 -11.07 -2.91
C GLY B 29 -2.36 -10.02 -3.54
N LEU B 30 -1.78 -8.98 -4.11
CA LEU B 30 -2.51 -7.86 -4.74
C LEU B 30 -2.05 -7.64 -6.16
N ASP B 31 -2.91 -7.06 -7.00
CA ASP B 31 -2.51 -6.66 -8.32
C ASP B 31 -1.83 -5.28 -8.22
N ILE B 32 -1.38 -4.78 -9.35
CA ILE B 32 -0.65 -3.52 -9.44
C ILE B 32 -1.45 -2.32 -8.94
N LYS B 33 -2.73 -2.34 -9.26
CA LYS B 33 -3.65 -1.27 -8.85
C LYS B 33 -3.76 -1.28 -7.32
N GLY B 34 -3.87 -2.50 -6.78
CA GLY B 34 -3.92 -2.69 -5.36
C GLY B 34 -2.66 -2.29 -4.61
N ILE B 35 -1.51 -2.64 -5.18
CA ILE B 35 -0.23 -2.22 -4.63
C ILE B 35 -0.19 -0.70 -4.61
N CYS B 36 -0.61 -0.08 -5.70
CA CYS B 36 -0.59 1.41 -5.82
C CYS B 36 -1.48 2.13 -4.82
N LYS B 37 -2.69 1.65 -4.71
CA LYS B 37 -3.63 2.05 -3.70
C LYS B 37 -3.11 2.00 -2.29
N ALA B 38 -2.50 0.87 -1.92
CA ALA B 38 -1.94 0.72 -0.58
C ALA B 38 -0.76 1.65 -0.35
N LEU B 39 0.12 1.77 -1.34
CA LEU B 39 1.30 2.63 -1.24
C LEU B 39 0.96 4.10 -1.15
N TYR B 40 0.03 4.58 -1.96
CA TYR B 40 -0.20 6.03 -2.08
C TYR B 40 -1.48 6.47 -1.37
N GLY B 41 -2.37 5.50 -1.10
CA GLY B 41 -3.66 5.81 -0.44
C GLY B 41 -4.58 6.63 -1.32
N THR B 42 -4.52 6.37 -2.63
CA THR B 42 -5.31 7.10 -3.60
C THR B 42 -6.07 6.08 -4.42
N PHE B 43 -7.05 6.56 -5.18
CA PHE B 43 -7.81 5.74 -6.09
C PHE B 43 -8.24 6.59 -7.29
N SER B 44 -8.58 5.90 -8.37
CA SER B 44 -8.89 6.59 -9.63
C SER B 44 -10.38 6.78 -9.75
N SER B 45 -10.79 7.80 -10.50
CA SER B 45 -12.20 8.05 -10.80
C SER B 45 -12.30 8.52 -12.24
N SER B 46 -11.60 7.85 -13.16
CA SER B 46 -11.59 8.28 -14.55
C SER B 46 -11.11 9.71 -14.78
N GLU B 47 -10.03 10.13 -14.09
CA GLU B 47 -9.42 11.45 -14.40
C GLU B 47 -9.05 11.39 -15.88
N LYS B 48 -9.22 12.50 -16.57
CA LYS B 48 -8.91 12.61 -17.97
C LYS B 48 -7.41 12.82 -18.17
N VAL B 49 -6.78 11.95 -18.95
CA VAL B 49 -5.33 11.97 -19.08
C VAL B 49 -4.96 12.27 -20.50
N GLY B 50 -4.24 13.40 -20.68
CA GLY B 50 -3.78 13.74 -22.01
C GLY B 50 -2.33 13.37 -22.18
N ILE B 51 -2.06 12.71 -23.30
CA ILE B 51 -0.77 12.05 -23.56
C ILE B 51 -0.21 12.78 -24.75
N VAL B 52 0.91 13.51 -24.54
CA VAL B 52 1.52 14.38 -25.56
C VAL B 52 2.79 13.77 -26.15
N PRO B 53 2.79 13.42 -27.46
CA PRO B 53 4.03 12.94 -28.10
C PRO B 53 5.05 14.07 -28.15
N VAL B 54 6.32 13.75 -27.99
CA VAL B 54 7.37 14.74 -27.91
C VAL B 54 8.47 14.38 -28.89
N THR B 55 8.82 15.33 -29.74
CA THR B 55 9.80 15.14 -30.82
C THR B 55 11.26 15.49 -30.46
N SER B 56 11.54 15.97 -29.27
CA SER B 56 12.92 16.41 -28.97
C SER B 56 13.88 15.24 -28.78
N GLY B 57 15.16 15.52 -28.98
CA GLY B 57 16.18 14.47 -28.85
C GLY B 57 16.06 13.37 -29.90
N ASN B 58 16.27 12.11 -29.50
CA ASN B 58 15.96 10.92 -30.33
C ASN B 58 14.61 11.00 -31.04
N GLY B 59 13.63 11.70 -30.45
CA GLY B 59 12.32 11.89 -31.10
C GLY B 59 11.23 10.90 -30.66
N ILE B 60 10.13 10.89 -31.41
CA ILE B 60 8.99 10.08 -31.05
C ILE B 60 9.43 8.63 -31.09
N ILE B 61 9.10 7.87 -30.06
CA ILE B 61 9.40 6.43 -30.11
C ILE B 61 8.17 5.65 -30.54
N GLY B 62 8.33 4.84 -31.59
CA GLY B 62 7.24 4.02 -32.12
C GLY B 62 6.60 3.19 -31.01
N ASN B 63 5.28 3.21 -30.94
CA ASN B 63 4.50 2.47 -29.94
C ASN B 63 4.42 3.12 -28.55
N PHE B 64 5.22 4.19 -28.31
CA PHE B 64 5.32 4.78 -26.97
C PHE B 64 4.00 5.33 -26.51
N SER B 65 3.46 6.27 -27.27
CA SER B 65 2.24 6.95 -26.84
C SER B 65 1.02 6.02 -26.95
N ALA B 66 1.03 5.12 -27.95
CA ALA B 66 0.01 4.04 -28.01
C ALA B 66 0.09 3.17 -26.77
N SER B 67 1.28 2.88 -26.31
CA SER B 67 1.39 2.09 -25.08
C SER B 67 0.87 2.82 -23.85
N LEU B 68 1.16 4.14 -23.72
CA LEU B 68 0.67 4.89 -22.58
C LEU B 68 -0.85 5.00 -22.60
N HIS B 69 -1.36 5.10 -23.81
CA HIS B 69 -2.79 5.05 -24.07
C HIS B 69 -3.45 3.74 -23.50
N ALA B 70 -2.92 2.61 -23.92
CA ALA B 70 -3.38 1.26 -23.46
C ALA B 70 -3.25 1.11 -21.96
N ILE B 71 -2.05 1.45 -21.46
CA ILE B 71 -1.74 1.37 -20.04
C ILE B 71 -2.72 2.18 -19.22
N THR B 72 -3.03 3.38 -19.68
CA THR B 72 -3.81 4.27 -18.85
C THR B 72 -5.26 3.82 -18.87
N GLN B 73 -5.76 3.50 -20.05
CA GLN B 73 -7.06 2.77 -20.13
C GLN B 73 -7.11 1.55 -19.16
N TYR B 74 -6.06 0.74 -19.15
CA TYR B 74 -6.01 -0.51 -18.32
C TYR B 74 -6.18 -0.18 -16.84
N PHE B 75 -5.62 0.97 -16.40
CA PHE B 75 -5.69 1.33 -14.98
C PHE B 75 -6.87 2.23 -14.67
N GLY B 76 -7.80 2.33 -15.61
CA GLY B 76 -9.08 2.98 -15.37
C GLY B 76 -9.13 4.50 -15.58
N PHE B 77 -8.21 5.05 -16.38
CA PHE B 77 -8.24 6.49 -16.73
C PHE B 77 -8.92 6.81 -18.07
N ASP B 78 -9.53 7.98 -18.17
CA ASP B 78 -10.13 8.43 -19.43
C ASP B 78 -9.08 9.12 -20.29
N SER B 79 -8.28 8.31 -20.99
CA SER B 79 -7.07 8.87 -21.58
C SER B 79 -7.25 9.10 -23.06
N PHE B 80 -6.41 10.01 -23.57
CA PHE B 80 -6.34 10.37 -24.98
C PHE B 80 -4.92 10.79 -25.40
N VAL B 81 -4.60 10.57 -26.67
CA VAL B 81 -3.34 10.99 -27.27
C VAL B 81 -3.60 12.15 -28.23
N THR B 82 -2.86 13.28 -28.07
CA THR B 82 -3.07 14.45 -28.93
C THR B 82 -2.62 14.19 -30.36
N ASP B 83 -3.26 14.78 -31.35
CA ASP B 83 -2.71 14.72 -32.73
C ASP B 83 -1.38 15.51 -32.85
N MET B 84 -1.31 16.69 -32.23
CA MET B 84 -0.09 17.49 -32.33
C MET B 84 0.91 17.07 -31.27
N PRO B 85 2.21 17.14 -31.60
CA PRO B 85 3.29 16.93 -30.65
C PRO B 85 3.73 18.21 -29.90
N ASP B 86 4.56 18.04 -28.88
CA ASP B 86 5.30 19.19 -28.29
C ASP B 86 4.42 20.30 -27.69
N VAL B 87 4.71 21.59 -27.92
CA VAL B 87 3.95 22.65 -27.24
C VAL B 87 2.55 22.74 -27.83
N SER B 88 2.43 22.58 -29.13
CA SER B 88 1.12 22.54 -29.74
C SER B 88 0.22 21.38 -29.19
N GLY B 89 0.85 20.24 -28.92
CA GLY B 89 0.17 19.08 -28.33
C GLY B 89 -0.28 19.34 -26.91
N TYR B 90 0.56 20.09 -26.18
CA TYR B 90 0.28 20.41 -24.81
C TYR B 90 -0.94 21.31 -24.78
N TYR B 91 -0.94 22.31 -25.65
CA TYR B 91 -2.06 23.21 -25.74
C TYR B 91 -3.33 22.38 -26.08
N GLU B 92 -3.23 21.56 -27.11
CA GLU B 92 -4.36 20.64 -27.49
C GLU B 92 -4.92 19.82 -26.31
N ALA B 93 -4.02 19.23 -25.53
CA ALA B 93 -4.33 18.50 -24.32
C ALA B 93 -5.14 19.28 -23.31
N VAL B 94 -4.65 20.48 -23.00
CA VAL B 94 -5.25 21.30 -21.98
C VAL B 94 -6.59 21.75 -22.47
N GLN B 95 -6.62 22.17 -23.72
CA GLN B 95 -7.84 22.70 -24.31
C GLN B 95 -8.93 21.63 -24.34
N ASN B 96 -8.52 20.38 -24.51
CA ASN B 96 -9.47 19.24 -24.52
C ASN B 96 -9.85 18.65 -23.17
N GLY B 97 -9.47 19.30 -22.08
CA GLY B 97 -9.95 18.93 -20.76
C GLY B 97 -9.08 17.93 -20.03
N ALA B 98 -7.85 17.69 -20.48
CA ALA B 98 -6.91 16.91 -19.69
C ALA B 98 -6.77 17.45 -18.27
N GLU B 99 -6.84 16.53 -17.31
CA GLU B 99 -6.66 16.84 -15.91
C GLU B 99 -5.26 16.48 -15.50
N ILE B 100 -4.76 15.39 -16.09
CA ILE B 100 -3.37 15.01 -15.95
C ILE B 100 -2.65 14.99 -17.26
N ILE B 101 -1.46 15.61 -17.30
CA ILE B 101 -0.61 15.57 -18.49
C ILE B 101 0.49 14.54 -18.33
N LEU B 102 0.61 13.66 -19.35
CA LEU B 102 1.63 12.66 -19.46
C LEU B 102 2.51 12.97 -20.70
N MET B 103 3.83 13.11 -20.53
CA MET B 103 4.76 13.39 -21.64
C MET B 103 6.19 13.07 -21.25
N ALA B 104 7.02 12.78 -22.24
CA ALA B 104 8.42 12.46 -21.94
C ALA B 104 9.38 12.97 -22.99
N ASP B 105 10.53 13.48 -22.54
CA ASP B 105 11.68 13.68 -23.43
C ASP B 105 12.70 12.61 -23.10
N ASP B 106 13.89 12.72 -23.63
CA ASP B 106 14.89 11.68 -23.43
C ASP B 106 15.38 11.63 -22.01
N ARG B 107 15.16 12.67 -21.21
CA ARG B 107 15.69 12.69 -19.84
C ARG B 107 14.67 12.65 -18.73
N THR B 108 13.44 13.04 -19.04
CA THR B 108 12.40 13.19 -18.04
C THR B 108 11.07 12.70 -18.62
N PHE B 109 10.48 11.70 -17.96
CA PHE B 109 9.10 11.32 -18.23
C PHE B 109 8.28 11.75 -17.03
N LEU B 110 7.23 12.51 -17.23
CA LEU B 110 6.52 13.02 -16.09
C LEU B 110 5.01 12.92 -16.19
N ALA B 111 4.37 13.03 -15.03
CA ALA B 111 2.94 13.21 -14.91
C ALA B 111 2.68 14.44 -14.06
N HIS B 112 1.79 15.27 -14.57
CA HIS B 112 1.41 16.48 -13.92
C HIS B 112 -0.07 16.59 -13.79
N ASN B 113 -0.53 16.57 -12.56
CA ASN B 113 -1.96 16.72 -12.27
C ASN B 113 -2.30 18.25 -12.17
N LEU B 114 -3.08 18.73 -13.13
CA LEU B 114 -3.44 20.14 -13.22
C LEU B 114 -4.39 20.56 -12.12
N LYS B 115 -5.18 19.63 -11.57
CA LYS B 115 -6.17 20.02 -10.56
C LYS B 115 -5.54 20.23 -9.18
N ASN B 116 -4.51 19.48 -8.82
CA ASN B 116 -3.94 19.65 -7.48
C ASN B 116 -2.47 20.09 -7.43
N GLY B 117 -1.84 20.20 -8.58
CA GLY B 117 -0.45 20.64 -8.67
C GLY B 117 0.62 19.56 -8.50
N LYS B 118 0.24 18.30 -8.28
CA LYS B 118 1.29 17.30 -8.00
C LYS B 118 1.91 16.90 -9.27
N MET B 119 3.19 16.57 -9.20
CA MET B 119 3.96 16.15 -10.36
C MET B 119 4.88 14.99 -9.98
N ALA B 120 4.95 14.03 -10.88
CA ALA B 120 5.69 12.78 -10.67
C ALA B 120 6.80 12.69 -11.68
N ASN B 121 7.93 12.14 -11.28
CA ASN B 121 9.02 11.81 -12.22
C ASN B 121 9.14 10.30 -12.26
N ASN B 122 9.12 9.74 -13.47
CA ASN B 122 9.18 8.31 -13.75
C ASN B 122 10.24 7.56 -12.96
N GLN B 123 11.42 8.16 -12.82
CA GLN B 123 12.54 7.44 -12.22
C GLN B 123 12.34 7.05 -10.74
N PRO B 124 12.05 8.01 -9.85
CA PRO B 124 11.81 7.59 -8.48
C PRO B 124 10.52 6.81 -8.35
N CYS B 125 9.47 7.19 -9.08
CA CYS B 125 8.21 6.40 -9.01
C CYS B 125 8.41 4.94 -9.40
N THR B 126 9.23 4.71 -10.42
CA THR B 126 9.54 3.34 -10.87
C THR B 126 10.36 2.57 -9.82
N GLY B 127 11.41 3.18 -9.28
CA GLY B 127 12.21 2.54 -8.27
C GLY B 127 11.37 2.20 -7.05
N ILE B 128 10.59 3.18 -6.60
CA ILE B 128 9.80 3.02 -5.40
C ILE B 128 8.78 1.86 -5.58
N ILE B 129 8.05 1.81 -6.68
CA ILE B 129 7.04 0.71 -6.82
C ILE B 129 7.67 -0.66 -6.97
N TYR B 130 8.75 -0.78 -7.75
CA TYR B 130 9.38 -2.11 -7.93
C TYR B 130 10.02 -2.56 -6.62
N ALA B 131 10.57 -1.61 -5.86
CA ALA B 131 11.06 -1.89 -4.51
C ALA B 131 9.90 -2.26 -3.57
N GLU B 132 8.79 -1.53 -3.65
CA GLU B 132 7.60 -1.85 -2.83
C GLU B 132 7.08 -3.26 -3.09
N ILE B 133 6.97 -3.63 -4.36
CA ILE B 133 6.53 -5.02 -4.74
C ILE B 133 7.43 -6.12 -4.17
N ALA B 134 8.72 -5.92 -4.31
CA ALA B 134 9.69 -6.87 -3.78
C ALA B 134 9.53 -7.03 -2.27
N SER B 135 9.32 -5.92 -1.59
CA SER B 135 9.19 -5.89 -0.13
C SER B 135 7.94 -6.52 0.40
N ARG B 136 6.97 -6.74 -0.49
CA ARG B 136 5.70 -7.35 -0.15
C ARG B 136 5.64 -8.81 -0.53
N TYR B 137 6.79 -9.40 -0.84
CA TYR B 137 6.85 -10.83 -1.13
C TYR B 137 6.44 -11.55 0.16
N LEU B 138 5.22 -12.08 0.12
CA LEU B 138 4.57 -12.69 1.27
C LEU B 138 5.38 -13.80 1.94
N LYS B 139 6.00 -14.64 1.10
CA LYS B 139 6.68 -15.84 1.56
C LYS B 139 8.18 -15.62 1.76
N ALA B 140 8.62 -14.38 1.81
CA ALA B 140 10.03 -14.05 1.93
C ALA B 140 10.72 -14.70 3.14
N ASP B 141 10.11 -14.59 4.32
CA ASP B 141 10.70 -15.17 5.53
C ASP B 141 12.12 -14.64 5.75
N SER B 142 12.27 -13.32 5.57
CA SER B 142 13.55 -12.64 5.75
C SER B 142 13.40 -11.18 5.36
N LYS B 143 14.00 -10.30 6.15
CA LYS B 143 13.98 -8.86 5.87
C LYS B 143 15.25 -8.40 5.15
N ASP B 144 15.98 -9.35 4.55
CA ASP B 144 17.17 -9.02 3.78
C ASP B 144 16.83 -8.83 2.30
N VAL B 145 17.29 -7.74 1.73
CA VAL B 145 17.11 -7.51 0.29
C VAL B 145 18.43 -7.07 -0.37
N LEU B 146 18.69 -7.66 -1.53
CA LEU B 146 19.81 -7.30 -2.41
C LEU B 146 19.32 -6.27 -3.44
N VAL B 147 19.97 -5.11 -3.47
CA VAL B 147 19.70 -4.09 -4.48
C VAL B 147 20.89 -4.01 -5.42
N VAL B 148 20.67 -4.24 -6.72
CA VAL B 148 21.75 -4.10 -7.70
C VAL B 148 21.40 -2.96 -8.67
N GLY B 149 22.26 -1.95 -8.68
CA GLY B 149 21.99 -0.69 -9.38
C GLY B 149 21.50 0.38 -8.42
N LEU B 150 22.25 1.45 -8.27
CA LEU B 150 21.89 2.52 -7.32
C LEU B 150 21.83 3.85 -8.05
N GLY B 151 21.41 3.78 -9.31
CA GLY B 151 21.21 4.93 -10.15
C GLY B 151 19.93 5.69 -9.85
N LYS B 152 19.45 6.39 -10.87
CA LYS B 152 18.25 7.21 -10.71
C LYS B 152 17.00 6.45 -10.36
N VAL B 153 16.88 5.19 -10.78
CA VAL B 153 15.77 4.31 -10.36
C VAL B 153 16.14 3.57 -9.07
N GLY B 154 17.34 3.00 -9.06
CA GLY B 154 17.81 2.21 -7.94
C GLY B 154 17.89 2.92 -6.61
N PHE B 155 18.46 4.13 -6.56
CA PHE B 155 18.67 4.78 -5.26
C PHE B 155 17.35 5.05 -4.50
N PRO B 156 16.33 5.62 -5.16
CA PRO B 156 15.00 5.81 -4.51
C PRO B 156 14.34 4.49 -4.08
N GLY B 157 14.56 3.45 -4.85
CA GLY B 157 14.06 2.10 -4.53
C GLY B 157 14.68 1.64 -3.23
N ALA B 158 16.02 1.67 -3.17
CA ALA B 158 16.74 1.30 -1.95
C ALA B 158 16.39 2.18 -0.75
N GLU B 159 16.18 3.45 -0.95
CA GLU B 159 15.80 4.34 0.15
C GLU B 159 14.46 3.83 0.73
N HIS B 160 13.52 3.56 -0.17
CA HIS B 160 12.20 3.10 0.23
C HIS B 160 12.33 1.87 1.12
N LEU B 161 13.18 0.93 0.74
CA LEU B 161 13.25 -0.34 1.47
C LEU B 161 13.83 -0.13 2.86
N VAL B 162 14.77 0.82 2.98
CA VAL B 162 15.39 1.20 4.25
C VAL B 162 14.37 1.90 5.15
N GLN B 163 13.60 2.83 4.57
CA GLN B 163 12.51 3.49 5.30
C GLN B 163 11.48 2.47 5.81
N LYS B 164 11.26 1.38 5.07
CA LYS B 164 10.44 0.28 5.59
C LYS B 164 11.21 -0.72 6.48
N ASP B 165 12.40 -0.36 6.96
CA ASP B 165 13.14 -1.16 7.92
C ASP B 165 13.56 -2.54 7.42
N PHE B 166 13.84 -2.65 6.12
CA PHE B 166 14.56 -3.80 5.62
C PHE B 166 16.05 -3.54 5.78
N ARG B 167 16.76 -4.64 5.80
CA ARG B 167 18.18 -4.65 5.90
C ARG B 167 18.71 -4.83 4.47
N VAL B 168 19.13 -3.72 3.89
CA VAL B 168 19.45 -3.60 2.47
C VAL B 168 20.93 -3.89 2.16
N TYR B 169 21.21 -4.85 1.28
CA TYR B 169 22.57 -4.98 0.72
C TYR B 169 22.61 -4.36 -0.67
N GLY B 170 23.58 -3.50 -0.94
CA GLY B 170 23.63 -2.77 -2.20
C GLY B 170 24.89 -3.05 -3.00
N TYR B 171 24.75 -3.06 -4.32
CA TYR B 171 25.88 -3.11 -5.22
C TYR B 171 25.62 -2.26 -6.46
N ASP B 172 26.67 -1.60 -6.92
CA ASP B 172 26.66 -0.84 -8.14
C ASP B 172 28.09 -0.83 -8.62
N ALA B 173 28.32 -1.23 -9.87
CA ALA B 173 29.67 -1.31 -10.44
C ALA B 173 30.41 0.02 -10.41
N ASP B 174 29.69 1.12 -10.31
CA ASP B 174 30.30 2.44 -10.09
C ASP B 174 30.61 2.59 -8.60
N GLU B 175 31.86 2.39 -8.22
CA GLU B 175 32.25 2.42 -6.80
C GLU B 175 32.00 3.79 -6.16
N THR B 176 31.97 4.83 -6.97
CA THR B 176 31.70 6.18 -6.46
C THR B 176 30.26 6.28 -6.02
N LEU B 177 29.36 5.76 -6.85
CA LEU B 177 27.94 5.71 -6.52
C LEU B 177 27.68 4.82 -5.31
N LEU B 178 28.40 3.70 -5.22
CA LEU B 178 28.15 2.73 -4.16
C LEU B 178 28.49 3.36 -2.82
N GLU B 179 29.62 4.06 -2.81
CA GLU B 179 30.08 4.89 -1.69
C GLU B 179 29.01 5.82 -1.13
N ARG B 180 28.42 6.62 -1.99
CA ARG B 180 27.47 7.62 -1.53
C ARG B 180 26.18 6.98 -1.10
N ALA B 181 25.76 5.94 -1.80
CA ALA B 181 24.61 5.18 -1.37
C ALA B 181 24.86 4.70 0.06
N THR B 182 26.01 4.06 0.28
CA THR B 182 26.32 3.48 1.60
C THR B 182 26.29 4.49 2.72
N SER B 183 26.90 5.66 2.52
CA SER B 183 26.97 6.64 3.61
C SER B 183 25.64 7.41 3.73
N ASN B 184 24.95 7.66 2.62
CA ASN B 184 23.68 8.40 2.68
C ASN B 184 22.48 7.64 3.22
N LEU B 185 22.39 6.34 2.91
CA LEU B 185 21.25 5.48 3.33
C LEU B 185 21.59 4.47 4.42
N GLY B 186 22.87 4.17 4.59
CA GLY B 186 23.31 3.20 5.58
C GLY B 186 23.18 1.77 5.07
N ILE B 187 22.98 1.59 3.77
CA ILE B 187 22.97 0.24 3.22
C ILE B 187 24.33 -0.40 3.44
N ILE B 188 24.32 -1.73 3.39
CA ILE B 188 25.51 -2.54 3.53
C ILE B 188 26.07 -2.77 2.13
N PRO B 189 27.34 -2.41 1.92
CA PRO B 189 27.90 -2.69 0.61
C PRO B 189 28.08 -4.19 0.46
N PHE B 190 27.44 -4.76 -0.55
CA PHE B 190 27.54 -6.17 -0.83
C PHE B 190 28.80 -6.46 -1.60
N ASP B 191 29.50 -7.52 -1.20
CA ASP B 191 30.71 -7.96 -1.89
C ASP B 191 30.38 -9.27 -2.60
N PRO B 192 30.35 -9.27 -3.95
CA PRO B 192 30.08 -10.52 -4.69
C PRO B 192 30.99 -11.69 -4.28
N ALA B 193 32.14 -11.38 -3.66
CA ALA B 193 33.10 -12.38 -3.17
C ALA B 193 32.79 -12.95 -1.76
N ASN B 194 31.90 -12.29 -1.00
CA ASN B 194 31.29 -12.92 0.18
C ASN B 194 29.79 -13.05 -0.07
N PRO B 195 29.41 -13.84 -1.09
CA PRO B 195 28.00 -13.91 -1.44
C PRO B 195 27.22 -14.69 -0.40
N LYS B 196 25.94 -14.35 -0.26
CA LYS B 196 24.99 -15.11 0.53
C LYS B 196 23.76 -15.25 -0.34
N LYS B 197 22.71 -15.88 0.17
CA LYS B 197 21.51 -16.07 -0.63
C LYS B 197 20.39 -15.14 -0.19
N PHE B 198 19.65 -14.65 -1.19
CA PHE B 198 18.50 -13.77 -0.97
C PHE B 198 17.23 -14.38 -1.53
N SER B 199 16.13 -14.08 -0.86
CA SER B 199 14.80 -14.36 -1.38
C SER B 199 14.14 -13.10 -1.97
N ILE B 200 14.74 -11.92 -1.74
CA ILE B 200 14.24 -10.62 -2.26
C ILE B 200 15.37 -9.86 -2.95
N ILE B 201 15.19 -9.57 -4.23
CA ILE B 201 16.19 -8.91 -5.05
C ILE B 201 15.53 -7.86 -5.90
N PHE B 202 16.11 -6.67 -5.91
CA PHE B 202 15.59 -5.58 -6.70
C PHE B 202 16.73 -5.14 -7.61
N GLU B 203 16.52 -5.17 -8.92
CA GLU B 203 17.58 -4.83 -9.88
C GLU B 203 17.15 -3.67 -10.77
N ALA B 204 18.01 -2.66 -10.90
CA ALA B 204 17.78 -1.51 -11.78
C ALA B 204 19.02 -1.07 -12.57
N THR B 205 19.43 -1.90 -13.54
CA THR B 205 20.54 -1.56 -14.46
C THR B 205 20.11 -1.77 -15.91
N PRO B 206 20.86 -1.19 -16.86
CA PRO B 206 20.59 -1.46 -18.29
C PRO B 206 21.40 -2.62 -18.84
N CYS B 207 21.75 -3.59 -17.99
CA CYS B 207 22.67 -4.64 -18.40
C CYS B 207 22.14 -6.04 -18.14
N ALA B 208 22.59 -7.00 -18.95
CA ALA B 208 22.21 -8.40 -18.81
C ALA B 208 23.05 -9.11 -17.78
N ASN B 209 22.54 -10.19 -17.20
CA ASN B 209 23.34 -11.08 -16.36
C ASN B 209 24.06 -10.39 -15.19
N THR B 210 23.34 -9.58 -14.43
CA THR B 210 23.93 -8.80 -13.33
C THR B 210 23.72 -9.45 -11.97
N ILE B 211 22.85 -10.46 -11.93
CA ILE B 211 22.55 -11.21 -10.72
C ILE B 211 23.27 -12.57 -10.77
N PRO B 212 24.33 -12.72 -9.97
CA PRO B 212 25.10 -13.97 -10.05
C PRO B 212 24.32 -15.16 -9.50
N GLU B 213 24.64 -16.33 -9.98
CA GLU B 213 23.92 -17.52 -9.54
C GLU B 213 24.02 -17.68 -8.03
N ALA B 214 25.16 -17.35 -7.42
CA ALA B 214 25.37 -17.65 -5.99
C ALA B 214 24.43 -16.91 -5.05
N VAL B 215 23.70 -15.93 -5.57
CA VAL B 215 22.89 -15.06 -4.73
C VAL B 215 21.41 -15.54 -4.74
N LEU B 216 21.09 -16.50 -5.61
CA LEU B 216 19.70 -16.94 -5.74
C LEU B 216 19.34 -18.04 -4.76
N SER B 217 18.27 -17.83 -4.01
CA SER B 217 17.63 -18.93 -3.34
C SER B 217 16.41 -19.30 -4.19
N GLU B 218 15.85 -20.48 -3.95
CA GLU B 218 14.70 -20.93 -4.72
C GLU B 218 13.46 -20.07 -4.52
N ASN B 219 12.67 -19.90 -5.59
CA ASN B 219 11.47 -19.05 -5.61
C ASN B 219 11.71 -17.59 -5.23
N CYS B 220 12.95 -17.12 -5.26
CA CYS B 220 13.20 -15.74 -4.87
C CYS B 220 12.47 -14.83 -5.84
N VAL B 221 11.96 -13.73 -5.32
CA VAL B 221 11.47 -12.68 -6.20
C VAL B 221 12.64 -11.87 -6.74
N LEU B 222 12.60 -11.61 -8.04
CA LEU B 222 13.48 -10.66 -8.68
C LEU B 222 12.63 -9.58 -9.38
N SER B 223 12.59 -8.40 -8.78
CA SER B 223 11.75 -7.31 -9.21
C SER B 223 12.65 -6.32 -9.92
N THR B 224 12.42 -6.13 -11.22
CA THR B 224 13.38 -5.38 -12.01
C THR B 224 12.76 -4.63 -13.19
N PRO B 225 12.90 -3.30 -13.22
CA PRO B 225 12.55 -2.53 -14.40
C PRO B 225 13.65 -2.48 -15.46
N GLY B 226 14.82 -3.05 -15.18
CA GLY B 226 15.93 -3.01 -16.10
C GLY B 226 15.69 -3.72 -17.42
N ILE B 227 16.35 -3.23 -18.45
CA ILE B 227 16.25 -3.83 -19.78
C ILE B 227 17.66 -3.86 -20.37
N PRO B 228 18.13 -5.02 -20.85
CA PRO B 228 17.48 -6.34 -20.90
C PRO B 228 17.45 -7.04 -19.52
N CYS B 229 17.01 -8.30 -19.51
CA CYS B 229 16.74 -8.97 -18.27
C CYS B 229 18.01 -9.23 -17.48
N ALA B 230 17.91 -9.10 -16.17
CA ALA B 230 19.06 -9.20 -15.26
C ALA B 230 19.51 -10.64 -15.07
N ILE B 231 18.65 -11.60 -15.36
CA ILE B 231 19.08 -13.00 -15.39
C ILE B 231 18.68 -13.71 -16.66
N SER B 232 19.47 -14.73 -17.01
CA SER B 232 19.19 -15.62 -18.13
C SER B 232 17.92 -16.44 -17.89
N GLU B 233 17.34 -16.93 -18.98
CA GLU B 233 16.20 -17.85 -18.89
C GLU B 233 16.58 -19.11 -18.12
N GLU B 234 17.76 -19.64 -18.38
CA GLU B 234 18.25 -20.84 -17.67
C GLU B 234 18.25 -20.71 -16.16
N LEU B 235 18.88 -19.65 -15.63
CA LEU B 235 18.92 -19.41 -14.18
C LEU B 235 17.53 -19.17 -13.61
N ARG B 236 16.74 -18.38 -14.32
CA ARG B 236 15.39 -18.06 -13.91
C ARG B 236 14.59 -19.34 -13.77
N ASP B 237 14.67 -20.18 -14.79
CA ASP B 237 13.99 -21.46 -14.78
C ASP B 237 14.63 -22.39 -13.76
N LYS B 238 15.96 -22.33 -13.60
CA LYS B 238 16.66 -23.23 -12.66
C LYS B 238 16.26 -23.01 -11.22
N TYR B 239 16.13 -21.76 -10.79
CA TYR B 239 15.74 -21.47 -9.40
C TYR B 239 14.27 -21.07 -9.25
N GLU B 240 13.47 -21.30 -10.30
CA GLU B 240 12.06 -20.92 -10.29
C GLU B 240 11.85 -19.49 -9.80
N VAL B 241 12.66 -18.58 -10.32
CA VAL B 241 12.66 -17.20 -9.89
C VAL B 241 11.33 -16.55 -10.24
N GLN B 242 10.80 -15.75 -9.31
CA GLN B 242 9.55 -15.05 -9.54
C GLN B 242 9.91 -13.65 -10.04
N LEU B 243 9.85 -13.52 -11.35
CA LEU B 243 10.25 -12.33 -12.06
C LEU B 243 9.12 -11.32 -12.11
N ILE B 244 9.39 -10.08 -11.71
CA ILE B 244 8.46 -9.01 -11.98
C ILE B 244 9.26 -8.07 -12.89
N ALA B 245 8.88 -8.02 -14.17
CA ALA B 245 9.62 -7.25 -15.16
C ALA B 245 8.67 -6.85 -16.26
N GLU B 246 8.56 -5.58 -16.50
CA GLU B 246 7.63 -5.06 -17.45
C GLU B 246 8.20 -3.63 -17.80
N PRO B 247 8.05 -3.17 -19.07
CA PRO B 247 8.79 -2.05 -19.64
C PRO B 247 8.33 -0.63 -19.40
N LEU B 248 7.12 -0.41 -18.93
CA LEU B 248 6.52 0.92 -18.92
C LEU B 248 5.30 1.02 -18.01
N GLY B 249 4.46 -0.01 -17.98
CA GLY B 249 3.18 0.04 -17.29
C GLY B 249 3.20 0.20 -15.78
N ILE B 250 4.02 -0.62 -15.12
CA ILE B 250 4.08 -0.57 -13.68
C ILE B 250 4.53 0.81 -13.19
N GLY B 251 5.57 1.35 -13.79
CA GLY B 251 6.07 2.68 -13.36
C GLY B 251 5.12 3.80 -13.74
N THR B 252 4.31 3.58 -14.78
CA THR B 252 3.36 4.61 -15.21
C THR B 252 2.20 4.67 -14.21
N ALA B 253 1.75 3.51 -13.74
CA ALA B 253 0.72 3.42 -12.71
C ALA B 253 1.22 4.04 -11.43
N SER B 254 2.46 3.77 -11.10
CA SER B 254 3.06 4.35 -9.93
C SER B 254 3.03 5.91 -10.06
N MET B 255 3.40 6.44 -11.22
CA MET B 255 3.39 7.95 -11.42
C MET B 255 1.99 8.52 -11.19
N LEU B 256 0.99 7.83 -11.75
CA LEU B 256 -0.36 8.36 -11.81
C LEU B 256 -1.02 8.31 -10.46
N TYR B 257 -0.81 7.25 -9.69
CA TYR B 257 -1.45 7.10 -8.36
C TYR B 257 -0.74 8.06 -7.39
N SER B 258 0.52 8.32 -7.67
CA SER B 258 1.28 9.21 -6.83
C SER B 258 0.73 10.61 -6.89
N VAL B 259 0.10 11.02 -8.00
CA VAL B 259 -0.37 12.44 -8.15
C VAL B 259 -1.87 12.59 -7.93
N LEU B 260 -2.59 11.48 -7.70
CA LEU B 260 -4.04 11.52 -7.48
C LEU B 260 -4.32 12.18 -6.12
N MET C 2 21.96 5.23 -28.67
CA MET C 2 21.95 4.02 -27.80
C MET C 2 23.04 4.08 -26.72
N ALA C 3 24.27 3.76 -27.10
CA ALA C 3 25.44 4.09 -26.30
C ALA C 3 26.18 5.22 -27.04
N LEU C 4 25.96 6.44 -26.56
CA LEU C 4 26.49 7.65 -27.17
C LEU C 4 27.39 8.38 -26.17
N LEU C 5 28.56 8.78 -26.64
CA LEU C 5 29.51 9.51 -25.81
C LEU C 5 28.87 10.73 -25.17
N THR C 6 29.05 10.88 -23.85
CA THR C 6 28.68 12.11 -23.15
C THR C 6 29.88 13.05 -23.21
N PRO C 7 29.66 14.37 -22.99
CA PRO C 7 30.78 15.32 -23.02
C PRO C 7 31.93 15.00 -22.06
N ASP C 8 31.62 14.31 -20.96
CA ASP C 8 32.63 13.91 -19.96
C ASP C 8 33.50 12.73 -20.38
N ASP C 9 33.05 11.96 -21.39
CA ASP C 9 33.88 10.89 -21.97
C ASP C 9 35.05 11.44 -22.79
N LEU C 10 35.00 12.74 -23.11
CA LEU C 10 35.95 13.38 -24.02
C LEU C 10 36.83 14.46 -23.36
N ILE C 11 36.76 14.61 -22.04
CA ILE C 11 37.61 15.57 -21.33
C ILE C 11 39.09 15.32 -21.61
N ASN C 12 39.76 16.34 -22.14
CA ASN C 12 41.16 16.25 -22.57
C ASN C 12 41.52 14.97 -23.34
N ILE C 13 41.04 14.90 -24.58
CA ILE C 13 41.29 13.74 -25.46
C ILE C 13 42.78 13.60 -25.83
N ASN C 14 43.53 14.70 -25.82
CA ASN C 14 44.95 14.63 -26.21
C ASN C 14 45.81 13.72 -25.34
N MET C 15 45.55 13.69 -24.02
CA MET C 15 46.32 12.85 -23.10
C MET C 15 45.85 11.39 -23.11
N GLN C 16 44.53 11.21 -23.18
CA GLN C 16 43.94 9.87 -23.34
C GLN C 16 44.55 9.15 -24.54
N LEU C 17 44.61 9.87 -25.66
CA LEU C 17 45.13 9.33 -26.91
C LEU C 17 46.63 9.06 -26.84
N GLN C 18 47.35 9.91 -26.10
CA GLN C 18 48.79 9.78 -25.96
C GLN C 18 49.18 8.54 -25.15
N LYS C 19 48.45 8.30 -24.06
CA LYS C 19 48.72 7.14 -23.21
C LYS C 19 48.20 5.84 -23.81
N ALA C 20 47.14 5.92 -24.62
CA ALA C 20 46.67 4.76 -25.38
C ALA C 20 47.69 4.40 -26.47
N ASP C 21 48.30 5.42 -27.08
CA ASP C 21 49.32 5.21 -28.11
C ASP C 21 50.53 4.44 -27.56
N SER C 22 51.00 4.85 -26.37
CA SER C 22 52.09 4.17 -25.67
C SER C 22 51.73 2.75 -25.25
N ALA C 23 50.53 2.59 -24.69
CA ALA C 23 50.02 1.28 -24.30
C ALA C 23 50.01 0.32 -25.50
N VAL C 24 49.53 0.81 -26.63
CA VAL C 24 49.47 0.00 -27.86
C VAL C 24 50.88 -0.38 -28.32
N GLN C 25 51.81 0.56 -28.22
CA GLN C 25 53.20 0.33 -28.59
C GLN C 25 53.84 -0.73 -27.69
N GLU C 26 53.61 -0.62 -26.38
CA GLU C 26 54.09 -1.62 -25.41
C GLU C 26 53.54 -3.02 -25.70
N VAL C 27 52.26 -3.11 -26.07
CA VAL C 27 51.61 -4.41 -26.26
C VAL C 27 52.01 -5.07 -27.59
N THR C 28 52.18 -4.27 -28.64
CA THR C 28 52.35 -4.81 -29.99
C THR C 28 53.69 -4.51 -30.64
N GLY C 29 54.47 -3.61 -30.07
CA GLY C 29 55.66 -3.07 -30.75
C GLY C 29 55.37 -1.98 -31.76
N LEU C 30 54.09 -1.79 -32.13
CA LEU C 30 53.68 -0.74 -33.05
C LEU C 30 52.76 0.24 -32.35
N ASP C 31 52.93 1.53 -32.64
CA ASP C 31 52.00 2.53 -32.17
C ASP C 31 50.77 2.51 -33.07
N ILE C 32 49.84 3.43 -32.85
CA ILE C 32 48.55 3.39 -33.55
C ILE C 32 48.72 3.62 -35.07
N LYS C 33 49.51 4.63 -35.44
CA LYS C 33 49.87 4.85 -36.85
C LYS C 33 50.32 3.56 -37.49
N GLY C 34 51.27 2.89 -36.84
CA GLY C 34 51.86 1.64 -37.33
C GLY C 34 50.84 0.53 -37.48
N ILE C 35 49.93 0.42 -36.51
CA ILE C 35 48.89 -0.60 -36.56
C ILE C 35 48.00 -0.38 -37.78
N CYS C 36 47.72 0.89 -38.09
CA CYS C 36 46.93 1.23 -39.26
C CYS C 36 47.68 0.92 -40.56
N LYS C 37 48.99 1.17 -40.59
CA LYS C 37 49.82 0.79 -41.75
C LYS C 37 49.68 -0.69 -42.01
N ALA C 38 49.90 -1.47 -40.95
CA ALA C 38 49.80 -2.93 -41.01
C ALA C 38 48.44 -3.41 -41.54
N LEU C 39 47.37 -2.76 -41.09
CA LEU C 39 46.01 -3.14 -41.50
C LEU C 39 45.65 -2.80 -42.95
N TYR C 40 46.00 -1.58 -43.37
CA TYR C 40 45.48 -1.03 -44.62
C TYR C 40 46.56 -0.68 -45.66
N GLY C 41 47.82 -0.74 -45.27
CA GLY C 41 48.93 -0.40 -46.16
C GLY C 41 49.11 1.09 -46.40
N THR C 42 48.24 1.93 -45.86
CA THR C 42 48.23 3.35 -46.19
C THR C 42 49.10 4.19 -45.25
N PHE C 43 49.32 5.44 -45.61
CA PHE C 43 50.04 6.40 -44.74
C PHE C 43 49.52 7.84 -44.91
N SER C 44 49.64 8.63 -43.85
CA SER C 44 49.07 9.99 -43.82
C SER C 44 49.84 10.95 -44.74
N SER C 45 49.13 11.58 -45.68
CA SER C 45 49.76 12.56 -46.59
C SER C 45 49.31 14.00 -46.27
N SER C 46 49.01 14.25 -45.00
CA SER C 46 48.54 15.56 -44.54
C SER C 46 47.15 15.93 -45.12
N GLU C 47 46.33 14.92 -45.41
CA GLU C 47 45.04 15.13 -46.08
C GLU C 47 44.15 16.16 -45.35
N LYS C 48 43.37 16.90 -46.12
CA LYS C 48 42.45 17.89 -45.56
C LYS C 48 41.15 17.24 -45.13
N VAL C 49 40.90 17.26 -43.82
CA VAL C 49 39.71 16.61 -43.27
C VAL C 49 38.70 17.63 -42.79
N GLY C 50 37.47 17.49 -43.27
CA GLY C 50 36.38 18.38 -42.88
C GLY C 50 35.44 17.74 -41.89
N ILE C 51 35.42 18.28 -40.67
CA ILE C 51 34.56 17.78 -39.59
C ILE C 51 33.26 18.59 -39.56
N VAL C 52 32.13 17.90 -39.66
CA VAL C 52 30.82 18.50 -39.84
C VAL C 52 29.88 18.13 -38.68
N PRO C 53 29.56 19.10 -37.79
CA PRO C 53 28.61 18.76 -36.73
C PRO C 53 27.24 18.44 -37.30
N VAL C 54 26.53 17.51 -36.66
CA VAL C 54 25.21 17.06 -37.10
C VAL C 54 24.19 17.15 -35.97
N THR C 55 23.19 18.02 -36.12
CA THR C 55 22.18 18.25 -35.07
C THR C 55 20.98 17.28 -35.15
N SER C 56 21.06 16.25 -35.99
CA SER C 56 19.96 15.29 -36.11
C SER C 56 19.89 14.41 -34.87
N GLY C 57 18.66 14.05 -34.48
CA GLY C 57 18.43 13.16 -33.34
C GLY C 57 18.82 13.79 -32.02
N ASN C 58 19.64 13.07 -31.27
CA ASN C 58 20.20 13.53 -29.99
C ASN C 58 20.98 14.85 -30.14
N GLY C 59 21.53 15.10 -31.33
CA GLY C 59 22.06 16.41 -31.69
C GLY C 59 23.55 16.55 -31.47
N ILE C 60 24.04 17.79 -31.57
CA ILE C 60 25.45 18.07 -31.34
C ILE C 60 25.83 17.60 -29.95
N ILE C 61 26.91 16.83 -29.85
CA ILE C 61 27.47 16.44 -28.56
C ILE C 61 28.64 17.37 -28.22
N GLY C 62 28.70 17.79 -26.96
CA GLY C 62 29.78 18.64 -26.47
C GLY C 62 31.12 17.93 -26.61
N ASN C 63 32.14 18.69 -27.00
CA ASN C 63 33.52 18.20 -27.19
C ASN C 63 33.74 17.32 -28.42
N PHE C 64 32.67 16.80 -29.03
CA PHE C 64 32.81 15.76 -30.05
C PHE C 64 33.66 16.19 -31.24
N SER C 65 33.25 17.27 -31.91
CA SER C 65 33.96 17.74 -33.10
C SER C 65 35.36 18.28 -32.74
N ALA C 66 35.43 19.01 -31.64
CA ALA C 66 36.72 19.47 -31.14
C ALA C 66 37.64 18.28 -30.91
N SER C 67 37.08 17.19 -30.38
CA SER C 67 37.84 15.94 -30.16
C SER C 67 38.28 15.29 -31.48
N LEU C 68 37.41 15.33 -32.49
CA LEU C 68 37.80 14.85 -33.81
C LEU C 68 38.90 15.75 -34.37
N HIS C 69 38.80 17.04 -34.06
CA HIS C 69 39.82 17.99 -34.49
C HIS C 69 41.16 17.66 -33.82
N ALA C 70 41.13 17.43 -32.51
CA ALA C 70 42.36 17.07 -31.78
C ALA C 70 42.96 15.75 -32.28
N ILE C 71 42.09 14.74 -32.45
CA ILE C 71 42.47 13.42 -32.95
C ILE C 71 43.12 13.50 -34.33
N THR C 72 42.42 14.16 -35.26
CA THR C 72 42.91 14.27 -36.61
C THR C 72 44.24 15.01 -36.64
N GLN C 73 44.32 16.11 -35.87
CA GLN C 73 45.56 16.88 -35.76
C GLN C 73 46.67 15.98 -35.21
N TYR C 74 46.33 15.20 -34.17
CA TYR C 74 47.29 14.28 -33.55
C TYR C 74 47.91 13.33 -34.56
N PHE C 75 47.13 12.84 -35.54
CA PHE C 75 47.66 11.93 -36.57
C PHE C 75 48.13 12.64 -37.83
N GLY C 76 48.27 13.97 -37.76
CA GLY C 76 48.96 14.76 -38.79
C GLY C 76 48.11 15.29 -39.94
N PHE C 77 46.79 15.12 -39.86
CA PHE C 77 45.91 15.58 -40.94
C PHE C 77 45.67 17.09 -40.83
N ASP C 78 45.32 17.71 -41.95
CA ASP C 78 45.00 19.15 -41.97
C ASP C 78 43.50 19.33 -41.80
N SER C 79 43.04 19.28 -40.55
CA SER C 79 41.61 19.23 -40.27
C SER C 79 41.02 20.55 -39.80
N PHE C 80 39.72 20.71 -40.06
CA PHE C 80 38.96 21.86 -39.57
C PHE C 80 37.52 21.42 -39.28
N VAL C 81 36.83 22.23 -38.50
CA VAL C 81 35.43 22.01 -38.15
C VAL C 81 34.60 23.13 -38.79
N THR C 82 33.45 22.78 -39.35
CA THR C 82 32.60 23.78 -39.98
C THR C 82 31.83 24.56 -38.92
N ASP C 83 31.49 25.82 -39.23
CA ASP C 83 30.64 26.66 -38.38
C ASP C 83 29.19 26.20 -38.49
N MET C 84 28.71 26.06 -39.72
CA MET C 84 27.38 25.55 -39.96
C MET C 84 27.36 24.02 -39.84
N PRO C 85 26.25 23.46 -39.29
CA PRO C 85 26.03 22.01 -39.19
C PRO C 85 25.23 21.41 -40.37
N ASP C 86 25.06 20.08 -40.35
CA ASP C 86 24.18 19.35 -41.29
C ASP C 86 24.51 19.57 -42.78
N VAL C 87 23.49 19.67 -43.64
CA VAL C 87 23.72 19.83 -45.07
C VAL C 87 24.44 21.14 -45.37
N SER C 88 24.10 22.19 -44.62
CA SER C 88 24.74 23.50 -44.79
C SER C 88 26.24 23.41 -44.45
N GLY C 89 26.57 22.58 -43.46
CA GLY C 89 27.96 22.34 -43.09
C GLY C 89 28.69 21.47 -44.08
N TYR C 90 27.99 20.46 -44.59
CA TYR C 90 28.54 19.62 -45.65
C TYR C 90 29.03 20.49 -46.80
N TYR C 91 28.16 21.41 -47.22
CA TYR C 91 28.46 22.35 -48.30
C TYR C 91 29.68 23.21 -47.92
N GLU C 92 29.71 23.74 -46.71
CA GLU C 92 30.86 24.52 -46.20
C GLU C 92 32.17 23.75 -46.27
N ALA C 93 32.15 22.50 -45.80
CA ALA C 93 33.32 21.62 -45.81
C ALA C 93 33.88 21.42 -47.21
N VAL C 94 33.02 21.03 -48.14
CA VAL C 94 33.43 20.80 -49.53
C VAL C 94 33.94 22.11 -50.15
N GLN C 95 33.20 23.19 -49.93
CA GLN C 95 33.61 24.51 -50.43
C GLN C 95 34.96 25.00 -49.86
N ASN C 96 35.34 24.52 -48.68
CA ASN C 96 36.68 24.78 -48.12
C ASN C 96 37.73 23.75 -48.53
N GLY C 97 37.41 22.88 -49.50
CA GLY C 97 38.39 21.92 -50.03
C GLY C 97 38.71 20.74 -49.13
N ALA C 98 37.74 20.34 -48.30
CA ALA C 98 37.88 19.12 -47.52
C ALA C 98 38.07 17.93 -48.47
N GLU C 99 39.06 17.09 -48.18
CA GLU C 99 39.34 15.93 -48.99
C GLU C 99 38.65 14.70 -48.44
N ILE C 100 38.59 14.63 -47.11
CA ILE C 100 37.80 13.63 -46.40
C ILE C 100 36.73 14.32 -45.56
N ILE C 101 35.52 13.77 -45.57
CA ILE C 101 34.42 14.28 -44.77
C ILE C 101 34.25 13.34 -43.57
N LEU C 102 34.08 13.95 -42.40
CA LEU C 102 33.95 13.23 -41.14
C LEU C 102 32.69 13.75 -40.46
N MET C 103 31.70 12.87 -40.30
CA MET C 103 30.40 13.27 -39.76
C MET C 103 29.64 12.04 -39.22
N ALA C 104 28.75 12.28 -38.24
CA ALA C 104 27.99 11.23 -37.58
C ALA C 104 26.60 11.68 -37.15
N ASP C 105 25.60 10.83 -37.38
CA ASP C 105 24.32 10.95 -36.66
C ASP C 105 24.31 9.89 -35.56
N ASP C 106 23.18 9.69 -34.89
CA ASP C 106 23.11 8.76 -33.76
C ASP C 106 23.39 7.30 -34.13
N ARG C 107 23.28 6.96 -35.42
CA ARG C 107 23.40 5.55 -35.88
C ARG C 107 24.59 5.24 -36.77
N THR C 108 25.16 6.26 -37.40
CA THR C 108 26.23 6.04 -38.35
C THR C 108 27.27 7.14 -38.20
N PHE C 109 28.52 6.71 -38.00
CA PHE C 109 29.66 7.62 -38.01
C PHE C 109 30.56 7.19 -39.17
N LEU C 110 30.69 8.06 -40.17
CA LEU C 110 31.44 7.72 -41.38
C LEU C 110 32.60 8.67 -41.66
N ALA C 111 33.57 8.16 -42.42
CA ALA C 111 34.56 8.97 -43.10
C ALA C 111 34.40 8.67 -44.59
N HIS C 112 34.26 9.74 -45.39
CA HIS C 112 34.17 9.62 -46.83
C HIS C 112 35.34 10.37 -47.50
N ASN C 113 36.18 9.63 -48.21
CA ASN C 113 37.30 10.21 -48.94
C ASN C 113 36.84 10.57 -50.35
N LEU C 114 36.73 11.88 -50.60
CA LEU C 114 36.28 12.37 -51.90
C LEU C 114 37.33 12.20 -53.00
N LYS C 115 38.59 12.00 -52.61
CA LYS C 115 39.69 11.86 -53.57
C LYS C 115 39.65 10.52 -54.28
N ASN C 116 39.29 9.46 -53.56
CA ASN C 116 39.26 8.11 -54.14
C ASN C 116 37.92 7.38 -54.03
N GLY C 117 36.92 8.00 -53.39
CA GLY C 117 35.61 7.38 -53.26
C GLY C 117 35.44 6.36 -52.15
N LYS C 118 36.48 6.14 -51.34
CA LYS C 118 36.38 5.17 -50.25
C LYS C 118 35.60 5.74 -49.07
N MET C 119 34.77 4.90 -48.47
CA MET C 119 33.96 5.29 -47.33
C MET C 119 33.99 4.23 -46.25
N ALA C 120 34.14 4.67 -45.00
CA ALA C 120 34.30 3.79 -43.85
C ALA C 120 33.18 4.00 -42.84
N ASN C 121 32.75 2.91 -42.20
CA ASN C 121 31.85 2.97 -41.06
C ASN C 121 32.59 2.72 -39.75
N ASN C 122 32.38 3.60 -38.77
CA ASN C 122 33.09 3.56 -37.49
C ASN C 122 33.07 2.21 -36.77
N GLN C 123 31.97 1.48 -36.90
CA GLN C 123 31.75 0.27 -36.12
C GLN C 123 32.69 -0.87 -36.50
N PRO C 124 32.67 -1.30 -37.78
CA PRO C 124 33.65 -2.31 -38.20
C PRO C 124 35.10 -1.85 -38.09
N CYS C 125 35.38 -0.58 -38.40
CA CYS C 125 36.73 -0.05 -38.28
C CYS C 125 37.22 -0.07 -36.83
N THR C 126 36.32 0.19 -35.89
CA THR C 126 36.64 0.11 -34.48
C THR C 126 36.84 -1.36 -34.07
N GLY C 127 35.92 -2.23 -34.46
CA GLY C 127 36.01 -3.65 -34.14
C GLY C 127 37.27 -4.29 -34.68
N ILE C 128 37.61 -3.94 -35.91
CA ILE C 128 38.77 -4.49 -36.58
C ILE C 128 40.07 -4.04 -35.93
N ILE C 129 40.24 -2.75 -35.67
CA ILE C 129 41.51 -2.25 -35.10
C ILE C 129 41.74 -2.74 -33.66
N TYR C 130 40.69 -2.79 -32.84
CA TYR C 130 40.84 -3.31 -31.48
C TYR C 130 41.13 -4.81 -31.46
N ALA C 131 40.59 -5.55 -32.43
CA ALA C 131 40.89 -6.98 -32.55
C ALA C 131 42.33 -7.19 -33.05
N GLU C 132 42.74 -6.32 -33.97
CA GLU C 132 44.10 -6.38 -34.50
C GLU C 132 45.11 -6.18 -33.37
N ILE C 133 44.92 -5.10 -32.61
CA ILE C 133 45.81 -4.79 -31.48
C ILE C 133 45.91 -5.99 -30.54
N ALA C 134 44.77 -6.58 -30.20
CA ALA C 134 44.75 -7.79 -29.37
C ALA C 134 45.54 -8.94 -30.01
N SER C 135 45.36 -9.14 -31.30
CA SER C 135 46.00 -10.24 -32.01
C SER C 135 47.52 -10.15 -32.03
N ARG C 136 48.06 -8.95 -31.85
CA ARG C 136 49.50 -8.70 -31.96
C ARG C 136 50.17 -8.56 -30.59
N TYR C 137 49.52 -9.04 -29.53
CA TYR C 137 50.15 -9.04 -28.21
C TYR C 137 51.40 -9.89 -28.29
N LEU C 138 52.55 -9.25 -28.09
CA LEU C 138 53.86 -9.88 -28.28
C LEU C 138 54.10 -11.07 -27.33
N LYS C 139 53.64 -10.95 -26.09
CA LYS C 139 53.93 -11.96 -25.07
C LYS C 139 52.75 -12.90 -24.81
N ALA C 140 51.83 -12.98 -25.77
CA ALA C 140 50.61 -13.78 -25.66
C ALA C 140 50.86 -15.26 -25.40
N ASP C 141 51.72 -15.86 -26.21
CA ASP C 141 52.00 -17.30 -26.11
C ASP C 141 50.72 -18.16 -26.03
N SER C 142 49.93 -18.05 -27.09
CA SER C 142 48.69 -18.83 -27.30
C SER C 142 47.93 -18.20 -28.45
N LYS C 143 47.23 -19.00 -29.24
CA LYS C 143 46.43 -18.46 -30.34
C LYS C 143 44.95 -18.36 -30.01
N ASP C 144 44.61 -18.55 -28.74
CA ASP C 144 43.22 -18.48 -28.31
C ASP C 144 42.89 -17.06 -27.89
N VAL C 145 41.74 -16.58 -28.35
CA VAL C 145 41.26 -15.24 -28.03
C VAL C 145 39.77 -15.32 -27.64
N LEU C 146 39.42 -14.64 -26.55
CA LEU C 146 38.03 -14.54 -26.10
C LEU C 146 37.47 -13.22 -26.61
N VAL C 147 36.31 -13.29 -27.26
CA VAL C 147 35.59 -12.12 -27.73
C VAL C 147 34.32 -12.02 -26.92
N VAL C 148 34.17 -10.93 -26.16
CA VAL C 148 32.93 -10.71 -25.40
C VAL C 148 32.17 -9.51 -25.99
N GLY C 149 30.97 -9.77 -26.49
CA GLY C 149 30.20 -8.81 -27.27
C GLY C 149 30.32 -9.16 -28.75
N LEU C 150 29.19 -9.48 -29.38
CA LEU C 150 29.18 -9.86 -30.81
C LEU C 150 28.15 -9.07 -31.62
N GLY C 151 27.99 -7.80 -31.24
CA GLY C 151 27.13 -6.87 -31.96
C GLY C 151 27.87 -6.18 -33.09
N LYS C 152 27.51 -4.94 -33.34
CA LYS C 152 28.01 -4.22 -34.51
C LYS C 152 29.52 -3.94 -34.50
N VAL C 153 30.10 -3.72 -33.32
CA VAL C 153 31.55 -3.57 -33.18
C VAL C 153 32.21 -4.95 -33.03
N GLY C 154 31.62 -5.81 -32.19
CA GLY C 154 32.22 -7.09 -31.85
C GLY C 154 32.28 -8.11 -32.97
N PHE C 155 31.25 -8.16 -33.80
CA PHE C 155 31.20 -9.16 -34.87
C PHE C 155 32.35 -8.98 -35.86
N PRO C 156 32.52 -7.76 -36.43
CA PRO C 156 33.67 -7.56 -37.34
C PRO C 156 35.05 -7.85 -36.73
N GLY C 157 35.21 -7.62 -35.43
CA GLY C 157 36.44 -7.93 -34.72
C GLY C 157 36.68 -9.42 -34.64
N ALA C 158 35.64 -10.19 -34.31
CA ALA C 158 35.74 -11.66 -34.28
C ALA C 158 36.02 -12.21 -35.68
N GLU C 159 35.32 -11.69 -36.67
CA GLU C 159 35.51 -12.06 -38.08
C GLU C 159 36.96 -11.85 -38.52
N HIS C 160 37.50 -10.68 -38.18
CA HIS C 160 38.88 -10.33 -38.49
C HIS C 160 39.87 -11.34 -37.89
N LEU C 161 39.61 -11.73 -36.63
CA LEU C 161 40.47 -12.69 -35.92
C LEU C 161 40.35 -14.11 -36.48
N VAL C 162 39.18 -14.46 -37.01
CA VAL C 162 39.01 -15.74 -37.69
C VAL C 162 39.86 -15.77 -38.98
N GLN C 163 39.78 -14.71 -39.78
CA GLN C 163 40.56 -14.62 -41.02
C GLN C 163 42.08 -14.60 -40.77
N LYS C 164 42.51 -13.99 -39.67
CA LYS C 164 43.91 -14.07 -39.26
C LYS C 164 44.23 -15.40 -38.57
N ASP C 165 43.27 -16.32 -38.60
CA ASP C 165 43.46 -17.70 -38.19
C ASP C 165 43.84 -17.86 -36.72
N PHE C 166 43.24 -17.05 -35.87
CA PHE C 166 43.28 -17.26 -34.43
C PHE C 166 42.16 -18.20 -34.06
N ARG C 167 42.27 -18.78 -32.88
CA ARG C 167 41.27 -19.72 -32.40
C ARG C 167 40.29 -18.95 -31.50
N VAL C 168 39.09 -18.68 -32.02
CA VAL C 168 38.20 -17.66 -31.45
C VAL C 168 37.07 -18.23 -30.59
N TYR C 169 37.06 -17.81 -29.33
CA TYR C 169 35.97 -18.10 -28.40
C TYR C 169 35.08 -16.88 -28.26
N GLY C 170 33.79 -17.04 -28.52
CA GLY C 170 32.83 -15.94 -28.48
C GLY C 170 31.74 -16.08 -27.42
N TYR C 171 31.45 -14.98 -26.74
CA TYR C 171 30.30 -14.91 -25.85
C TYR C 171 29.50 -13.62 -26.05
N ASP C 172 28.17 -13.77 -26.13
CA ASP C 172 27.24 -12.64 -26.07
C ASP C 172 26.04 -13.07 -25.22
N ALA C 173 25.53 -12.16 -24.40
CA ALA C 173 24.39 -12.48 -23.53
C ALA C 173 23.06 -12.57 -24.27
N ASP C 174 23.05 -12.20 -25.54
CA ASP C 174 21.90 -12.41 -26.41
C ASP C 174 22.18 -13.70 -27.14
N GLU C 175 21.45 -14.75 -26.78
CA GLU C 175 21.70 -16.11 -27.30
C GLU C 175 21.45 -16.23 -28.80
N THR C 176 20.41 -15.56 -29.30
CA THR C 176 20.18 -15.44 -30.74
C THR C 176 21.44 -14.97 -31.45
N LEU C 177 21.99 -13.87 -30.94
CA LEU C 177 23.13 -13.21 -31.56
C LEU C 177 24.42 -14.02 -31.40
N LEU C 178 24.48 -14.86 -30.38
CA LEU C 178 25.60 -15.81 -30.20
C LEU C 178 25.49 -16.97 -31.18
N GLU C 179 24.27 -17.48 -31.35
CA GLU C 179 23.99 -18.56 -32.31
C GLU C 179 24.39 -18.13 -33.73
N ARG C 180 23.73 -17.12 -34.26
CA ARG C 180 24.05 -16.66 -35.62
C ARG C 180 25.55 -16.38 -35.82
N ALA C 181 26.23 -15.94 -34.75
CA ALA C 181 27.68 -15.73 -34.80
C ALA C 181 28.48 -17.03 -34.83
N THR C 182 28.02 -18.06 -34.12
CA THR C 182 28.69 -19.37 -34.16
C THR C 182 28.52 -20.00 -35.54
N SER C 183 27.32 -19.90 -36.12
CA SER C 183 27.08 -20.46 -37.44
C SER C 183 27.90 -19.71 -38.49
N ASN C 184 27.57 -18.44 -38.70
CA ASN C 184 28.17 -17.65 -39.79
C ASN C 184 29.70 -17.46 -39.74
N LEU C 185 30.31 -17.63 -38.57
CA LEU C 185 31.78 -17.54 -38.45
C LEU C 185 32.44 -18.84 -37.97
N GLY C 186 31.66 -19.85 -37.62
CA GLY C 186 32.21 -21.12 -37.14
C GLY C 186 33.06 -20.97 -35.89
N ILE C 187 32.72 -20.01 -35.02
CA ILE C 187 33.46 -19.79 -33.76
C ILE C 187 32.97 -20.73 -32.65
N ILE C 188 33.80 -20.86 -31.61
CA ILE C 188 33.52 -21.76 -30.50
C ILE C 188 32.69 -21.03 -29.46
N PRO C 189 31.42 -21.45 -29.26
CA PRO C 189 30.60 -20.74 -28.27
C PRO C 189 31.15 -20.95 -26.87
N PHE C 190 31.47 -19.86 -26.20
CA PHE C 190 32.05 -19.91 -24.86
C PHE C 190 30.95 -20.13 -23.82
N ASP C 191 31.23 -21.00 -22.86
CA ASP C 191 30.32 -21.30 -21.76
C ASP C 191 30.89 -20.74 -20.45
N PRO C 192 30.21 -19.76 -19.83
CA PRO C 192 30.67 -19.25 -18.54
C PRO C 192 30.69 -20.31 -17.43
N ALA C 193 29.92 -21.39 -17.60
CA ALA C 193 29.95 -22.51 -16.64
C ALA C 193 31.22 -23.37 -16.79
N ASN C 194 31.85 -23.34 -17.97
CA ASN C 194 33.14 -24.00 -18.20
C ASN C 194 34.21 -23.00 -18.58
N PRO C 195 34.66 -22.19 -17.61
CA PRO C 195 35.61 -21.13 -17.93
C PRO C 195 36.99 -21.70 -18.26
N LYS C 196 37.70 -20.98 -19.13
CA LYS C 196 39.08 -21.28 -19.46
C LYS C 196 39.83 -19.97 -19.47
N LYS C 197 41.14 -20.00 -19.24
CA LYS C 197 41.93 -18.77 -19.15
C LYS C 197 42.51 -18.31 -20.48
N PHE C 198 42.52 -17.00 -20.66
CA PHE C 198 43.00 -16.37 -21.89
C PHE C 198 44.03 -15.30 -21.55
N SER C 199 45.00 -15.13 -22.45
CA SER C 199 45.92 -14.01 -22.40
C SER C 199 45.54 -12.98 -23.48
N ILE C 200 44.53 -13.30 -24.28
CA ILE C 200 44.01 -12.38 -25.29
C ILE C 200 42.49 -12.29 -25.16
N ILE C 201 42.00 -11.08 -24.83
CA ILE C 201 40.56 -10.83 -24.70
C ILE C 201 40.17 -9.50 -25.36
N PHE C 202 39.13 -9.56 -26.17
CA PHE C 202 38.58 -8.44 -26.90
C PHE C 202 37.16 -8.30 -26.44
N GLU C 203 36.80 -7.16 -25.84
CA GLU C 203 35.45 -6.94 -25.34
C GLU C 203 34.79 -5.75 -26.02
N ALA C 204 33.56 -5.95 -26.48
CA ALA C 204 32.83 -4.90 -27.18
C ALA C 204 31.37 -4.85 -26.70
N THR C 205 31.17 -4.16 -25.59
CA THR C 205 29.90 -4.20 -24.86
C THR C 205 29.74 -2.88 -24.09
N PRO C 206 28.49 -2.39 -23.94
CA PRO C 206 28.20 -1.16 -23.18
C PRO C 206 28.13 -1.30 -21.65
N CYS C 207 28.62 -2.42 -21.10
CA CYS C 207 28.38 -2.79 -19.70
C CYS C 207 29.65 -2.98 -18.89
N ALA C 208 29.53 -2.81 -17.59
CA ALA C 208 30.63 -3.03 -16.65
C ALA C 208 30.78 -4.50 -16.30
N ASN C 209 31.98 -4.90 -15.87
CA ASN C 209 32.19 -6.24 -15.30
C ASN C 209 31.69 -7.41 -16.15
N THR C 210 31.97 -7.36 -17.45
CA THR C 210 31.54 -8.42 -18.36
C THR C 210 32.57 -9.53 -18.49
N ILE C 211 33.79 -9.30 -18.00
CA ILE C 211 34.85 -10.29 -18.02
C ILE C 211 34.99 -10.89 -16.62
N PRO C 212 34.66 -12.18 -16.46
CA PRO C 212 34.75 -12.81 -15.14
C PRO C 212 36.18 -13.13 -14.74
N GLU C 213 36.43 -13.22 -13.44
CA GLU C 213 37.77 -13.46 -12.91
C GLU C 213 38.42 -14.74 -13.45
N ALA C 214 37.65 -15.83 -13.51
CA ALA C 214 38.15 -17.13 -13.97
C ALA C 214 38.76 -17.12 -15.38
N VAL C 215 38.34 -16.16 -16.18
CA VAL C 215 38.78 -16.05 -17.57
C VAL C 215 40.20 -15.47 -17.72
N LEU C 216 40.70 -14.83 -16.67
CA LEU C 216 41.93 -14.02 -16.74
C LEU C 216 43.21 -14.77 -16.39
N SER C 217 44.23 -14.64 -17.26
CA SER C 217 45.60 -15.02 -16.92
C SER C 217 46.36 -13.77 -16.50
N GLU C 218 47.56 -13.95 -15.95
CA GLU C 218 48.37 -12.82 -15.51
C GLU C 218 48.85 -12.05 -16.74
N ASN C 219 48.91 -10.73 -16.63
CA ASN C 219 49.39 -9.85 -17.71
C ASN C 219 48.66 -10.04 -19.03
N CYS C 220 47.44 -10.56 -18.99
CA CYS C 220 46.66 -10.71 -20.21
C CYS C 220 46.35 -9.34 -20.79
N VAL C 221 46.13 -9.32 -22.10
CA VAL C 221 45.71 -8.12 -22.77
C VAL C 221 44.19 -8.13 -22.86
N LEU C 222 43.58 -7.01 -22.45
CA LEU C 222 42.17 -6.74 -22.68
C LEU C 222 42.04 -5.54 -23.61
N SER C 223 41.71 -5.82 -24.87
CA SER C 223 41.46 -4.78 -25.86
C SER C 223 39.96 -4.52 -25.91
N THR C 224 39.53 -3.34 -25.44
CA THR C 224 38.10 -3.02 -25.43
C THR C 224 37.80 -1.57 -25.82
N PRO C 225 36.97 -1.38 -26.85
CA PRO C 225 36.36 -0.08 -27.11
C PRO C 225 35.14 0.22 -26.22
N GLY C 226 34.69 -0.77 -25.44
CA GLY C 226 33.48 -0.64 -24.65
C GLY C 226 33.48 0.36 -23.48
N ILE C 227 32.33 0.99 -23.28
CA ILE C 227 32.16 2.01 -22.26
C ILE C 227 30.92 1.63 -21.40
N PRO C 228 31.06 1.56 -20.06
CA PRO C 228 32.25 1.76 -19.23
C PRO C 228 33.22 0.58 -19.36
N CYS C 229 34.22 0.53 -18.47
CA CYS C 229 35.22 -0.52 -18.54
C CYS C 229 34.64 -1.91 -18.21
N ALA C 230 35.03 -2.90 -19.02
CA ALA C 230 34.53 -4.27 -18.91
C ALA C 230 34.99 -5.01 -17.66
N ILE C 231 36.00 -4.49 -16.99
CA ILE C 231 36.66 -5.18 -15.87
C ILE C 231 36.83 -4.18 -14.74
N SER C 232 36.71 -4.65 -13.51
CA SER C 232 36.81 -3.80 -12.33
C SER C 232 38.24 -3.34 -12.08
N GLU C 233 38.37 -2.16 -11.47
CA GLU C 233 39.62 -1.66 -10.91
C GLU C 233 40.38 -2.74 -10.17
N GLU C 234 39.65 -3.48 -9.34
CA GLU C 234 40.25 -4.51 -8.49
C GLU C 234 40.82 -5.64 -9.33
N LEU C 235 40.00 -6.21 -10.21
CA LEU C 235 40.42 -7.35 -11.05
C LEU C 235 41.54 -6.99 -12.03
N ARG C 236 41.55 -5.75 -12.50
CA ARG C 236 42.59 -5.27 -13.39
C ARG C 236 43.94 -5.17 -12.66
N ASP C 237 43.92 -4.60 -11.45
CA ASP C 237 45.12 -4.49 -10.63
C ASP C 237 45.61 -5.87 -10.22
N LYS C 238 44.69 -6.72 -9.77
CA LYS C 238 45.02 -8.09 -9.35
C LYS C 238 45.78 -8.94 -10.37
N TYR C 239 45.40 -8.86 -11.65
CA TYR C 239 46.05 -9.67 -12.70
C TYR C 239 46.97 -8.88 -13.64
N GLU C 240 47.28 -7.64 -13.25
CA GLU C 240 48.14 -6.75 -14.05
C GLU C 240 47.69 -6.78 -15.51
N VAL C 241 46.39 -6.58 -15.69
CA VAL C 241 45.79 -6.64 -17.01
C VAL C 241 46.30 -5.46 -17.81
N GLN C 242 46.68 -5.73 -19.06
CA GLN C 242 47.14 -4.67 -19.94
C GLN C 242 45.98 -4.18 -20.77
N LEU C 243 45.46 -3.02 -20.37
CA LEU C 243 44.22 -2.48 -20.88
C LEU C 243 44.48 -1.59 -22.08
N ILE C 244 43.79 -1.86 -23.19
CA ILE C 244 43.77 -0.93 -24.31
C ILE C 244 42.34 -0.42 -24.42
N ALA C 245 42.13 0.80 -23.93
CA ALA C 245 40.79 1.38 -23.86
C ALA C 245 40.86 2.87 -24.02
N GLU C 246 40.19 3.37 -25.05
CA GLU C 246 40.24 4.78 -25.39
C GLU C 246 38.94 5.09 -26.15
N PRO C 247 38.27 6.23 -25.82
CA PRO C 247 36.87 6.40 -26.24
C PRO C 247 36.55 6.74 -27.71
N LEU C 248 37.54 7.15 -28.51
CA LEU C 248 37.23 7.68 -29.85
C LEU C 248 38.41 7.59 -30.80
N GLY C 249 39.53 8.17 -30.39
CA GLY C 249 40.74 8.28 -31.20
C GLY C 249 41.20 7.08 -32.02
N ILE C 250 41.21 5.89 -31.39
CA ILE C 250 41.69 4.70 -32.07
C ILE C 250 40.77 4.34 -33.23
N GLY C 251 39.46 4.36 -33.00
CA GLY C 251 38.49 4.01 -34.04
C GLY C 251 38.51 4.98 -35.20
N THR C 252 38.65 6.26 -34.87
CA THR C 252 38.71 7.31 -35.88
C THR C 252 39.94 7.15 -36.76
N ALA C 253 41.08 6.80 -36.15
CA ALA C 253 42.30 6.52 -36.90
C ALA C 253 42.08 5.34 -37.83
N SER C 254 41.41 4.29 -37.33
CA SER C 254 41.11 3.13 -38.18
C SER C 254 40.25 3.53 -39.38
N MET C 255 39.19 4.29 -39.15
CA MET C 255 38.34 4.81 -40.23
C MET C 255 39.19 5.56 -41.27
N LEU C 256 39.93 6.57 -40.79
CA LEU C 256 40.72 7.44 -41.65
C LEU C 256 41.73 6.69 -42.51
N TYR C 257 42.54 5.83 -41.89
CA TYR C 257 43.57 5.09 -42.64
C TYR C 257 42.98 4.06 -43.63
N SER C 258 41.76 3.59 -43.37
CA SER C 258 41.15 2.60 -44.26
C SER C 258 40.60 3.23 -45.55
N VAL C 259 40.45 4.55 -45.57
CA VAL C 259 39.96 5.27 -46.76
C VAL C 259 41.06 6.02 -47.53
N LEU C 260 42.30 5.97 -47.03
CA LEU C 260 43.40 6.68 -47.67
C LEU C 260 43.87 5.93 -48.92
N ALA D 3 -24.68 1.99 26.75
CA ALA D 3 -23.34 2.66 26.56
C ALA D 3 -23.01 3.60 27.74
N LEU D 4 -21.94 4.37 27.62
CA LEU D 4 -21.59 5.41 28.58
C LEU D 4 -21.60 6.74 27.85
N LEU D 5 -21.82 7.82 28.60
CA LEU D 5 -21.83 9.17 28.03
C LEU D 5 -20.42 9.65 27.71
N THR D 6 -20.24 10.21 26.51
CA THR D 6 -18.99 10.88 26.17
C THR D 6 -19.13 12.35 26.53
N PRO D 7 -17.99 13.05 26.76
CA PRO D 7 -18.07 14.48 27.10
C PRO D 7 -18.77 15.36 26.04
N ASP D 8 -18.77 14.91 24.78
CA ASP D 8 -19.39 15.65 23.68
C ASP D 8 -20.91 15.56 23.68
N ASP D 9 -21.46 14.46 24.22
CA ASP D 9 -22.92 14.31 24.42
C ASP D 9 -23.47 15.37 25.37
N LEU D 10 -22.58 16.02 26.12
CA LEU D 10 -23.00 16.93 27.17
C LEU D 10 -22.73 18.41 26.91
N ILE D 11 -22.12 18.76 25.77
CA ILE D 11 -21.88 20.17 25.44
C ILE D 11 -23.17 20.96 25.63
N ASN D 12 -23.11 22.03 26.42
CA ASN D 12 -24.25 22.92 26.65
C ASN D 12 -25.55 22.18 27.01
N ILE D 13 -25.48 21.45 28.12
CA ILE D 13 -26.63 20.69 28.64
C ILE D 13 -27.81 21.62 28.97
N ASN D 14 -27.51 22.84 29.41
CA ASN D 14 -28.54 23.85 29.69
C ASN D 14 -29.47 24.08 28.50
N MET D 15 -28.89 24.39 27.34
CA MET D 15 -29.60 24.60 26.09
C MET D 15 -30.54 23.41 25.83
N GLN D 16 -29.95 22.22 25.72
CA GLN D 16 -30.69 20.99 25.43
C GLN D 16 -31.93 20.86 26.29
N LEU D 17 -31.78 21.15 27.59
CA LEU D 17 -32.80 20.89 28.60
C LEU D 17 -34.06 21.75 28.45
N GLN D 18 -33.87 23.04 28.18
CA GLN D 18 -35.01 23.96 28.02
C GLN D 18 -35.88 23.58 26.81
N LYS D 19 -35.22 23.11 25.75
CA LYS D 19 -35.92 22.67 24.52
C LYS D 19 -36.72 21.41 24.81
N ALA D 20 -36.12 20.50 25.55
CA ALA D 20 -36.77 19.26 25.96
C ALA D 20 -37.99 19.56 26.84
N ASP D 21 -37.87 20.56 27.70
CA ASP D 21 -38.98 20.94 28.58
C ASP D 21 -40.15 21.51 27.76
N SER D 22 -39.84 22.32 26.75
CA SER D 22 -40.84 22.81 25.80
C SER D 22 -41.50 21.66 25.05
N ALA D 23 -40.67 20.75 24.56
CA ALA D 23 -41.12 19.58 23.81
C ALA D 23 -42.06 18.69 24.64
N VAL D 24 -41.67 18.39 25.88
CA VAL D 24 -42.49 17.56 26.76
C VAL D 24 -43.85 18.21 27.04
N GLN D 25 -43.83 19.54 27.13
CA GLN D 25 -45.05 20.30 27.40
C GLN D 25 -45.95 20.31 26.18
N GLU D 26 -45.36 20.44 24.99
CA GLU D 26 -46.09 20.40 23.73
C GLU D 26 -46.82 19.06 23.58
N VAL D 27 -46.17 17.99 24.02
CA VAL D 27 -46.72 16.64 23.90
C VAL D 27 -47.77 16.33 24.96
N THR D 28 -47.48 16.69 26.22
CA THR D 28 -48.29 16.23 27.36
C THR D 28 -49.02 17.34 28.12
N GLY D 29 -48.78 18.61 27.78
CA GLY D 29 -49.35 19.73 28.54
C GLY D 29 -48.57 20.08 29.79
N LEU D 30 -47.98 19.09 30.44
CA LEU D 30 -47.17 19.29 31.64
C LEU D 30 -45.70 19.43 31.27
N ASP D 31 -44.97 20.24 32.04
CA ASP D 31 -43.50 20.30 31.93
C ASP D 31 -42.88 19.15 32.73
N ILE D 32 -41.56 19.05 32.72
CA ILE D 32 -40.88 17.91 33.37
C ILE D 32 -41.18 17.86 34.87
N LYS D 33 -41.15 19.01 35.53
CA LYS D 33 -41.57 19.15 36.94
C LYS D 33 -42.94 18.52 37.19
N GLY D 34 -43.89 18.79 36.28
CA GLY D 34 -45.26 18.29 36.40
C GLY D 34 -45.39 16.81 36.13
N ILE D 35 -44.58 16.28 35.21
CA ILE D 35 -44.55 14.85 34.96
C ILE D 35 -44.04 14.15 36.21
N CYS D 36 -42.98 14.69 36.81
CA CYS D 36 -42.40 14.13 38.04
C CYS D 36 -43.39 14.19 39.20
N LYS D 37 -44.18 15.25 39.24
CA LYS D 37 -45.23 15.38 40.23
C LYS D 37 -46.30 14.29 40.06
N ALA D 38 -46.77 14.11 38.84
CA ALA D 38 -47.78 13.09 38.55
C ALA D 38 -47.26 11.68 38.87
N LEU D 39 -45.97 11.46 38.70
CA LEU D 39 -45.35 10.16 38.95
C LEU D 39 -45.19 9.86 40.43
N TYR D 40 -44.69 10.85 41.17
CA TYR D 40 -44.20 10.63 42.53
C TYR D 40 -44.93 11.45 43.61
N GLY D 41 -45.79 12.38 43.20
CA GLY D 41 -46.56 13.22 44.13
C GLY D 41 -45.75 14.28 44.86
N THR D 42 -44.57 14.62 44.31
CA THR D 42 -43.61 15.45 45.02
C THR D 42 -43.31 16.81 44.35
N PHE D 43 -43.05 17.80 45.20
CA PHE D 43 -42.51 19.10 44.81
C PHE D 43 -41.06 19.17 45.23
N SER D 44 -40.26 19.96 44.51
CA SER D 44 -38.94 20.36 44.98
C SER D 44 -39.07 21.27 46.21
N SER D 45 -38.05 21.30 47.07
CA SER D 45 -38.00 22.24 48.21
C SER D 45 -36.58 22.76 48.46
N SER D 46 -35.86 23.08 47.38
CA SER D 46 -34.49 23.59 47.47
C SER D 46 -33.54 22.63 48.20
N GLU D 47 -33.79 21.34 48.10
CA GLU D 47 -33.00 20.36 48.85
C GLU D 47 -31.51 20.45 48.47
N LYS D 48 -30.65 20.20 49.45
CA LYS D 48 -29.22 20.35 49.24
C LYS D 48 -28.65 19.06 48.67
N VAL D 49 -28.11 19.14 47.46
CA VAL D 49 -27.70 17.96 46.70
C VAL D 49 -26.19 17.93 46.53
N GLY D 50 -25.56 16.85 47.02
CA GLY D 50 -24.12 16.65 46.90
C GLY D 50 -23.74 15.77 45.72
N ILE D 51 -22.96 16.33 44.79
CA ILE D 51 -22.52 15.63 43.60
C ILE D 51 -21.07 15.16 43.77
N VAL D 52 -20.89 13.84 43.74
CA VAL D 52 -19.61 13.20 44.04
C VAL D 52 -19.02 12.53 42.80
N PRO D 53 -17.91 13.08 42.27
CA PRO D 53 -17.22 12.41 41.16
C PRO D 53 -16.67 11.05 41.57
N VAL D 54 -16.70 10.09 40.65
CA VAL D 54 -16.25 8.74 40.93
C VAL D 54 -15.24 8.31 39.86
N THR D 55 -14.04 7.97 40.32
CA THR D 55 -12.94 7.55 39.44
C THR D 55 -12.97 6.04 39.10
N SER D 56 -13.96 5.32 39.61
CA SER D 56 -14.05 3.85 39.43
C SER D 56 -14.22 3.43 37.98
N GLY D 57 -13.45 2.42 37.57
CA GLY D 57 -13.53 1.89 36.22
C GLY D 57 -12.98 2.85 35.19
N ASN D 58 -13.81 3.22 34.20
CA ASN D 58 -13.39 4.13 33.17
C ASN D 58 -13.06 5.51 33.74
N GLY D 59 -13.72 5.86 34.83
CA GLY D 59 -13.32 7.01 35.64
C GLY D 59 -14.20 8.22 35.41
N ILE D 60 -13.69 9.37 35.83
CA ILE D 60 -14.38 10.65 35.70
C ILE D 60 -14.69 10.93 34.22
N ILE D 61 -15.95 11.13 33.92
CA ILE D 61 -16.38 11.51 32.57
C ILE D 61 -16.43 13.04 32.49
N GLY D 62 -15.77 13.59 31.46
CA GLY D 62 -15.70 15.03 31.26
C GLY D 62 -17.08 15.64 31.22
N ASN D 63 -17.24 16.76 31.92
CA ASN D 63 -18.52 17.48 32.06
C ASN D 63 -19.61 16.76 32.87
N PHE D 64 -19.35 15.56 33.39
CA PHE D 64 -20.44 14.78 33.97
C PHE D 64 -21.01 15.50 35.18
N SER D 65 -20.18 15.67 36.21
CA SER D 65 -20.64 16.30 37.43
C SER D 65 -21.00 17.78 37.24
N ALA D 66 -20.31 18.47 36.33
CA ALA D 66 -20.69 19.84 35.97
C ALA D 66 -22.10 19.86 35.38
N SER D 67 -22.39 18.87 34.54
CA SER D 67 -23.73 18.76 33.91
C SER D 67 -24.81 18.50 34.95
N LEU D 68 -24.53 17.61 35.89
CA LEU D 68 -25.49 17.33 36.96
C LEU D 68 -25.70 18.55 37.84
N HIS D 69 -24.66 19.38 37.99
CA HIS D 69 -24.79 20.62 38.75
C HIS D 69 -25.81 21.53 38.07
N ALA D 70 -25.66 21.73 36.76
CA ALA D 70 -26.55 22.59 35.96
C ALA D 70 -27.98 22.07 35.96
N ILE D 71 -28.11 20.75 35.77
CA ILE D 71 -29.41 20.06 35.81
C ILE D 71 -30.11 20.22 37.17
N THR D 72 -29.37 20.04 38.25
CA THR D 72 -29.95 20.18 39.59
C THR D 72 -30.27 21.65 39.89
N GLN D 73 -29.48 22.57 39.35
CA GLN D 73 -29.76 24.01 39.47
C GLN D 73 -31.04 24.37 38.72
N TYR D 74 -31.20 23.76 37.55
CA TYR D 74 -32.34 24.03 36.67
C TYR D 74 -33.67 23.71 37.33
N PHE D 75 -33.72 22.60 38.06
CA PHE D 75 -34.95 22.21 38.77
C PHE D 75 -34.98 22.74 40.20
N GLY D 76 -34.11 23.71 40.49
CA GLY D 76 -34.20 24.50 41.72
C GLY D 76 -33.58 23.90 42.95
N PHE D 77 -32.65 22.95 42.78
CA PHE D 77 -31.98 22.32 43.92
C PHE D 77 -30.70 23.06 44.30
N ASP D 78 -30.35 22.98 45.58
CA ASP D 78 -29.15 23.64 46.10
C ASP D 78 -27.97 22.67 46.00
N SER D 79 -27.41 22.59 44.80
CA SER D 79 -26.43 21.57 44.46
C SER D 79 -25.00 22.10 44.46
N PHE D 80 -24.07 21.19 44.73
CA PHE D 80 -22.67 21.51 44.73
C PHE D 80 -21.89 20.25 44.35
N VAL D 81 -20.71 20.44 43.78
CA VAL D 81 -19.86 19.33 43.35
C VAL D 81 -18.66 19.23 44.29
N THR D 82 -18.39 18.03 44.82
CA THR D 82 -17.29 17.84 45.76
C THR D 82 -15.92 17.93 45.04
N ASP D 83 -14.93 18.51 45.71
CA ASP D 83 -13.55 18.58 45.21
C ASP D 83 -12.96 17.19 45.12
N MET D 84 -13.05 16.45 46.21
CA MET D 84 -12.49 15.11 46.26
C MET D 84 -13.45 14.10 45.63
N PRO D 85 -12.91 13.05 45.01
CA PRO D 85 -13.75 12.01 44.44
C PRO D 85 -13.91 10.83 45.40
N ASP D 86 -14.82 9.92 45.02
CA ASP D 86 -14.93 8.61 45.65
C ASP D 86 -15.29 8.72 47.15
N VAL D 87 -14.63 7.96 48.02
CA VAL D 87 -14.98 7.94 49.43
C VAL D 87 -14.68 9.28 50.11
N SER D 88 -13.53 9.88 49.79
CA SER D 88 -13.17 11.20 50.32
C SER D 88 -14.21 12.27 49.93
N GLY D 89 -14.72 12.18 48.70
CA GLY D 89 -15.79 13.07 48.23
C GLY D 89 -17.11 12.87 48.97
N TYR D 90 -17.50 11.61 49.14
CA TYR D 90 -18.70 11.26 49.91
C TYR D 90 -18.65 11.85 51.32
N TYR D 91 -17.51 11.65 51.99
CA TYR D 91 -17.25 12.30 53.28
C TYR D 91 -17.41 13.81 53.15
N GLU D 92 -16.70 14.42 52.19
CA GLU D 92 -16.82 15.85 51.95
C GLU D 92 -18.29 16.28 51.75
N ALA D 93 -19.04 15.50 50.97
CA ALA D 93 -20.45 15.81 50.67
C ALA D 93 -21.27 15.90 51.94
N VAL D 94 -21.18 14.85 52.75
CA VAL D 94 -22.00 14.69 53.95
C VAL D 94 -21.59 15.71 55.00
N GLN D 95 -20.30 15.98 55.10
CA GLN D 95 -19.76 17.01 56.00
C GLN D 95 -20.25 18.41 55.63
N ASN D 96 -20.43 18.69 54.34
CA ASN D 96 -20.93 19.99 53.88
C ASN D 96 -22.46 20.03 53.80
N GLY D 97 -23.11 19.01 54.37
CA GLY D 97 -24.55 19.06 54.60
C GLY D 97 -25.44 18.65 53.44
N ALA D 98 -24.98 17.73 52.60
CA ALA D 98 -25.81 17.18 51.53
C ALA D 98 -27.00 16.46 52.13
N GLU D 99 -28.20 16.75 51.61
CA GLU D 99 -29.41 16.04 52.00
C GLU D 99 -29.60 14.84 51.07
N ILE D 100 -29.23 15.02 49.80
CA ILE D 100 -29.30 13.96 48.81
C ILE D 100 -27.94 13.76 48.14
N ILE D 101 -27.46 12.52 48.11
CA ILE D 101 -26.18 12.21 47.46
C ILE D 101 -26.43 11.75 46.04
N LEU D 102 -25.68 12.31 45.10
CA LEU D 102 -25.79 11.99 43.67
C LEU D 102 -24.44 11.54 43.15
N MET D 103 -24.36 10.29 42.69
CA MET D 103 -23.08 9.69 42.27
C MET D 103 -23.29 8.47 41.38
N ALA D 104 -22.25 8.10 40.63
CA ALA D 104 -22.34 7.00 39.67
C ALA D 104 -20.99 6.35 39.39
N ASP D 105 -20.96 5.01 39.43
CA ASP D 105 -19.87 4.26 38.82
C ASP D 105 -20.35 3.80 37.43
N ASP D 106 -19.61 2.90 36.80
CA ASP D 106 -19.92 2.53 35.42
C ASP D 106 -21.25 1.77 35.30
N ARG D 107 -21.71 1.16 36.40
CA ARG D 107 -22.90 0.29 36.39
C ARG D 107 -24.13 0.83 37.11
N THR D 108 -23.94 1.73 38.08
CA THR D 108 -25.05 2.27 38.86
C THR D 108 -24.88 3.77 39.00
N PHE D 109 -25.93 4.51 38.65
CA PHE D 109 -26.06 5.95 38.90
C PHE D 109 -27.24 6.09 39.87
N LEU D 110 -26.94 6.58 41.08
CA LEU D 110 -27.95 6.63 42.15
C LEU D 110 -28.14 8.00 42.78
N ALA D 111 -29.30 8.14 43.41
CA ALA D 111 -29.61 9.29 44.25
C ALA D 111 -30.08 8.75 45.61
N HIS D 112 -29.38 9.12 46.67
CA HIS D 112 -29.73 8.66 48.01
C HIS D 112 -30.12 9.83 48.90
N ASN D 113 -31.41 9.90 49.23
CA ASN D 113 -31.93 10.91 50.13
C ASN D 113 -31.69 10.54 51.60
N LEU D 114 -30.74 11.24 52.21
CA LEU D 114 -30.38 11.01 53.61
C LEU D 114 -31.44 11.48 54.62
N LYS D 115 -32.39 12.30 54.17
CA LYS D 115 -33.45 12.78 55.06
C LYS D 115 -34.60 11.76 55.23
N ASN D 116 -34.84 10.87 54.26
CA ASN D 116 -35.94 9.90 54.35
C ASN D 116 -35.62 8.43 54.06
N GLY D 117 -34.38 8.13 53.72
CA GLY D 117 -33.96 6.76 53.42
C GLY D 117 -34.24 6.29 51.99
N LYS D 118 -34.92 7.10 51.19
CA LYS D 118 -35.23 6.73 49.82
C LYS D 118 -34.02 6.83 48.88
N MET D 119 -33.85 5.80 48.05
CA MET D 119 -32.76 5.70 47.09
C MET D 119 -33.32 5.33 45.72
N ALA D 120 -32.75 5.91 44.67
CA ALA D 120 -33.20 5.66 43.31
C ALA D 120 -32.04 5.19 42.43
N ASN D 121 -32.38 4.35 41.46
CA ASN D 121 -31.47 3.92 40.42
C ASN D 121 -31.86 4.63 39.12
N ASN D 122 -30.89 5.21 38.44
CA ASN D 122 -31.15 5.94 37.18
C ASN D 122 -31.92 5.14 36.09
N GLN D 123 -31.69 3.83 36.03
CA GLN D 123 -32.23 3.04 34.92
C GLN D 123 -33.75 2.85 34.94
N PRO D 124 -34.31 2.26 36.01
CA PRO D 124 -35.77 2.19 36.05
C PRO D 124 -36.40 3.57 36.07
N CYS D 125 -35.77 4.52 36.76
CA CYS D 125 -36.25 5.90 36.80
C CYS D 125 -36.37 6.52 35.41
N THR D 126 -35.39 6.28 34.56
CA THR D 126 -35.34 6.86 33.21
C THR D 126 -36.42 6.25 32.31
N GLY D 127 -36.53 4.92 32.32
CA GLY D 127 -37.56 4.22 31.56
C GLY D 127 -38.98 4.58 31.98
N ILE D 128 -39.20 4.68 33.29
CA ILE D 128 -40.51 5.04 33.81
C ILE D 128 -40.92 6.44 33.34
N ILE D 129 -40.03 7.42 33.44
CA ILE D 129 -40.42 8.79 33.07
C ILE D 129 -40.63 8.96 31.55
N TYR D 130 -39.72 8.41 30.74
CA TYR D 130 -39.87 8.48 29.29
C TYR D 130 -41.13 7.73 28.83
N ALA D 131 -41.41 6.59 29.47
CA ALA D 131 -42.61 5.81 29.19
C ALA D 131 -43.86 6.59 29.58
N GLU D 132 -43.79 7.25 30.72
CA GLU D 132 -44.85 8.11 31.22
C GLU D 132 -45.13 9.26 30.25
N ILE D 133 -44.09 10.01 29.91
CA ILE D 133 -44.21 11.14 28.97
C ILE D 133 -44.90 10.70 27.68
N ALA D 134 -44.48 9.54 27.17
CA ALA D 134 -45.08 8.96 25.97
C ALA D 134 -46.55 8.62 26.20
N SER D 135 -46.86 8.10 27.38
CA SER D 135 -48.24 7.75 27.73
C SER D 135 -49.18 8.96 27.81
N ARG D 136 -48.63 10.17 27.97
CA ARG D 136 -49.46 11.38 28.14
C ARG D 136 -49.58 12.25 26.86
N TYR D 137 -49.20 11.72 25.72
CA TYR D 137 -49.36 12.47 24.47
C TYR D 137 -50.83 12.85 24.32
N LEU D 138 -51.09 14.15 24.19
CA LEU D 138 -52.46 14.67 24.19
C LEU D 138 -53.27 14.19 23.00
N LYS D 139 -52.64 14.11 21.83
CA LYS D 139 -53.35 13.79 20.59
C LYS D 139 -53.34 12.30 20.24
N ALA D 140 -52.96 11.45 21.19
CA ALA D 140 -52.79 10.00 20.94
C ALA D 140 -53.94 9.36 20.16
N ASP D 141 -55.15 9.47 20.69
CA ASP D 141 -56.35 8.89 20.06
C ASP D 141 -56.20 7.36 19.91
N SER D 142 -55.57 6.73 20.90
CA SER D 142 -55.31 5.29 20.88
C SER D 142 -54.67 4.84 22.20
N LYS D 143 -55.08 3.66 22.69
CA LYS D 143 -54.48 3.07 23.88
C LYS D 143 -53.21 2.26 23.57
N ASP D 144 -52.91 2.07 22.29
CA ASP D 144 -51.78 1.25 21.88
C ASP D 144 -50.44 1.99 22.00
N VAL D 145 -49.39 1.23 22.22
CA VAL D 145 -48.05 1.79 22.33
C VAL D 145 -47.02 0.70 22.00
N LEU D 146 -46.01 1.08 21.21
CA LEU D 146 -44.92 0.18 20.84
C LEU D 146 -43.73 0.51 21.73
N VAL D 147 -43.12 -0.53 22.28
CA VAL D 147 -41.89 -0.40 23.04
C VAL D 147 -40.86 -1.25 22.33
N VAL D 148 -39.76 -0.60 21.92
CA VAL D 148 -38.62 -1.28 21.30
C VAL D 148 -37.45 -1.16 22.27
N GLY D 149 -36.89 -2.31 22.66
CA GLY D 149 -35.88 -2.35 23.71
C GLY D 149 -36.50 -2.65 25.07
N LEU D 150 -36.13 -3.81 25.64
CA LEU D 150 -36.69 -4.28 26.90
C LEU D 150 -35.60 -4.71 27.89
N GLY D 151 -34.55 -3.89 27.97
CA GLY D 151 -33.45 -4.13 28.90
C GLY D 151 -33.67 -3.34 30.17
N LYS D 152 -32.55 -2.99 30.81
CA LYS D 152 -32.56 -2.31 32.11
C LYS D 152 -33.34 -0.99 32.15
N VAL D 153 -33.37 -0.25 31.04
CA VAL D 153 -34.17 0.97 30.95
C VAL D 153 -35.54 0.69 30.36
N GLY D 154 -35.59 -0.18 29.36
CA GLY D 154 -36.84 -0.49 28.66
C GLY D 154 -37.86 -1.27 29.47
N PHE D 155 -37.44 -2.36 30.11
CA PHE D 155 -38.35 -3.29 30.79
C PHE D 155 -39.20 -2.60 31.87
N PRO D 156 -38.58 -1.73 32.68
CA PRO D 156 -39.35 -0.92 33.66
C PRO D 156 -40.32 0.07 33.04
N GLY D 157 -39.95 0.63 31.88
CA GLY D 157 -40.79 1.57 31.15
C GLY D 157 -42.05 0.91 30.62
N ALA D 158 -41.90 -0.31 30.10
CA ALA D 158 -43.03 -1.12 29.64
C ALA D 158 -43.94 -1.50 30.80
N GLU D 159 -43.34 -2.05 31.85
CA GLU D 159 -44.04 -2.41 33.07
C GLU D 159 -44.92 -1.26 33.59
N HIS D 160 -44.38 -0.06 33.55
CA HIS D 160 -45.11 1.14 33.94
C HIS D 160 -46.34 1.31 33.06
N LEU D 161 -46.16 1.12 31.75
CA LEU D 161 -47.25 1.27 30.79
C LEU D 161 -48.32 0.19 30.95
N VAL D 162 -47.90 -1.06 31.17
CA VAL D 162 -48.84 -2.18 31.37
C VAL D 162 -49.78 -1.93 32.54
N GLN D 163 -49.22 -1.56 33.69
CA GLN D 163 -50.01 -1.35 34.91
C GLN D 163 -50.84 -0.06 34.84
N LYS D 164 -50.53 0.79 33.86
CA LYS D 164 -51.37 1.95 33.51
C LYS D 164 -52.46 1.61 32.48
N ASP D 165 -52.65 0.32 32.19
CA ASP D 165 -53.72 -0.16 31.31
C ASP D 165 -53.66 0.37 29.86
N PHE D 166 -52.44 0.51 29.36
CA PHE D 166 -52.25 0.73 27.93
C PHE D 166 -52.11 -0.66 27.32
N ARG D 167 -52.26 -0.72 26.00
CA ARG D 167 -52.04 -1.95 25.25
C ARG D 167 -50.61 -1.94 24.71
N VAL D 168 -49.71 -2.63 25.41
CA VAL D 168 -48.28 -2.55 25.14
C VAL D 168 -47.86 -3.64 24.16
N TYR D 169 -47.34 -3.22 23.02
CA TYR D 169 -46.68 -4.11 22.07
C TYR D 169 -45.19 -3.95 22.31
N GLY D 170 -44.48 -5.05 22.38
CA GLY D 170 -43.05 -5.04 22.71
C GLY D 170 -42.21 -5.78 21.69
N TYR D 171 -40.99 -5.27 21.48
CA TYR D 171 -40.02 -5.97 20.65
C TYR D 171 -38.61 -5.75 21.19
N ASP D 172 -37.84 -6.84 21.24
CA ASP D 172 -36.43 -6.78 21.54
C ASP D 172 -35.73 -7.79 20.65
N ALA D 173 -34.57 -7.42 20.14
CA ALA D 173 -33.81 -8.30 19.27
C ALA D 173 -33.32 -9.56 20.02
N ASP D 174 -33.17 -9.45 21.33
CA ASP D 174 -32.82 -10.61 22.17
C ASP D 174 -34.09 -11.43 22.48
N GLU D 175 -34.21 -12.59 21.84
CA GLU D 175 -35.47 -13.37 21.92
C GLU D 175 -35.82 -13.80 23.34
N THR D 176 -34.81 -14.22 24.09
CA THR D 176 -34.94 -14.57 25.51
C THR D 176 -35.53 -13.41 26.30
N LEU D 177 -35.04 -12.21 26.00
CA LEU D 177 -35.50 -11.01 26.70
C LEU D 177 -36.95 -10.71 26.33
N LEU D 178 -37.31 -10.94 25.07
CA LEU D 178 -38.69 -10.76 24.63
C LEU D 178 -39.57 -11.81 25.29
N GLU D 179 -39.09 -13.04 25.36
CA GLU D 179 -39.82 -14.15 25.98
C GLU D 179 -40.09 -13.92 27.47
N ARG D 180 -39.11 -13.39 28.19
CA ARG D 180 -39.31 -13.09 29.62
C ARG D 180 -40.24 -11.89 29.84
N ALA D 181 -40.09 -10.87 29.02
CA ALA D 181 -40.96 -9.69 29.10
C ALA D 181 -42.40 -10.02 28.73
N THR D 182 -42.62 -11.01 27.87
CA THR D 182 -43.98 -11.39 27.45
C THR D 182 -44.72 -12.20 28.53
N SER D 183 -44.02 -13.11 29.19
CA SER D 183 -44.62 -13.87 30.30
C SER D 183 -44.80 -12.98 31.53
N ASN D 184 -43.71 -12.40 32.02
CA ASN D 184 -43.72 -11.62 33.27
C ASN D 184 -44.61 -10.38 33.27
N LEU D 185 -44.89 -9.83 32.09
CA LEU D 185 -45.68 -8.59 31.96
C LEU D 185 -46.97 -8.77 31.15
N GLY D 186 -47.03 -9.80 30.32
CA GLY D 186 -48.19 -10.01 29.45
C GLY D 186 -48.27 -9.00 28.31
N ILE D 187 -47.13 -8.52 27.83
CA ILE D 187 -47.09 -7.69 26.63
C ILE D 187 -47.34 -8.56 25.40
N ILE D 188 -47.81 -7.95 24.32
CA ILE D 188 -48.00 -8.65 23.05
C ILE D 188 -46.71 -8.59 22.25
N PRO D 189 -46.05 -9.75 22.00
CA PRO D 189 -44.81 -9.69 21.25
C PRO D 189 -45.05 -9.14 19.85
N PHE D 190 -44.30 -8.11 19.48
CA PHE D 190 -44.48 -7.43 18.20
C PHE D 190 -43.60 -8.07 17.14
N ASP D 191 -44.20 -8.31 15.98
CA ASP D 191 -43.50 -8.87 14.85
C ASP D 191 -43.06 -7.72 13.92
N PRO D 192 -41.75 -7.49 13.79
CA PRO D 192 -41.33 -6.42 12.86
C PRO D 192 -41.88 -6.59 11.44
N ALA D 193 -42.26 -7.83 11.07
CA ALA D 193 -42.77 -8.15 9.73
C ALA D 193 -44.31 -8.22 9.62
N ASN D 194 -45.04 -8.11 10.73
CA ASN D 194 -46.50 -7.94 10.70
C ASN D 194 -46.85 -6.57 11.29
N PRO D 195 -46.37 -5.50 10.63
CA PRO D 195 -46.41 -4.19 11.26
C PRO D 195 -47.78 -3.53 11.21
N LYS D 196 -48.16 -2.91 12.31
CA LYS D 196 -49.25 -1.96 12.35
C LYS D 196 -48.63 -0.61 12.74
N LYS D 197 -49.38 0.47 12.53
CA LYS D 197 -48.89 1.81 12.85
C LYS D 197 -49.14 2.16 14.31
N PHE D 198 -48.29 3.05 14.85
CA PHE D 198 -48.47 3.59 16.20
C PHE D 198 -48.34 5.10 16.23
N SER D 199 -49.07 5.73 17.15
CA SER D 199 -48.92 7.13 17.44
C SER D 199 -48.11 7.34 18.73
N ILE D 200 -47.86 6.25 19.47
CA ILE D 200 -47.06 6.30 20.70
C ILE D 200 -45.95 5.26 20.65
N ILE D 201 -44.70 5.73 20.63
CA ILE D 201 -43.55 4.84 20.62
C ILE D 201 -42.56 5.23 21.72
N PHE D 202 -42.09 4.23 22.44
CA PHE D 202 -41.08 4.38 23.48
C PHE D 202 -39.93 3.45 23.08
N GLU D 203 -38.76 4.02 22.86
CA GLU D 203 -37.60 3.23 22.45
C GLU D 203 -36.47 3.40 23.43
N ALA D 204 -35.84 2.29 23.82
CA ALA D 204 -34.74 2.34 24.78
C ALA D 204 -33.63 1.38 24.37
N THR D 205 -32.83 1.81 23.41
CA THR D 205 -31.86 0.95 22.73
C THR D 205 -30.59 1.78 22.51
N PRO D 206 -29.41 1.12 22.45
CA PRO D 206 -28.19 1.87 22.15
C PRO D 206 -27.85 1.96 20.64
N CYS D 207 -28.86 1.82 19.79
CA CYS D 207 -28.64 1.60 18.37
C CYS D 207 -29.47 2.54 17.49
N ALA D 208 -28.95 2.79 16.30
CA ALA D 208 -29.61 3.62 15.30
C ALA D 208 -30.63 2.85 14.49
N ASN D 209 -31.67 3.57 14.07
CA ASN D 209 -32.66 3.09 13.10
C ASN D 209 -33.32 1.78 13.53
N THR D 210 -33.90 1.82 14.72
CA THR D 210 -34.59 0.67 15.32
C THR D 210 -36.10 0.70 15.11
N ILE D 211 -36.61 1.87 14.72
CA ILE D 211 -38.03 2.03 14.45
C ILE D 211 -38.23 2.03 12.94
N PRO D 212 -38.80 0.94 12.39
CA PRO D 212 -38.95 0.86 10.94
C PRO D 212 -40.04 1.81 10.44
N GLU D 213 -39.95 2.17 9.17
CA GLU D 213 -40.89 3.15 8.59
C GLU D 213 -42.36 2.71 8.72
N ALA D 214 -42.63 1.44 8.46
CA ALA D 214 -44.01 0.92 8.42
C ALA D 214 -44.82 1.23 9.69
N VAL D 215 -44.11 1.49 10.78
CA VAL D 215 -44.67 1.58 12.12
C VAL D 215 -45.06 3.02 12.50
N LEU D 216 -44.58 3.99 11.72
CA LEU D 216 -44.81 5.40 12.03
C LEU D 216 -46.16 5.90 11.52
N SER D 217 -46.83 6.70 12.34
CA SER D 217 -48.00 7.48 11.92
C SER D 217 -47.59 8.95 11.92
N GLU D 218 -48.40 9.78 11.27
CA GLU D 218 -48.11 11.20 11.18
C GLU D 218 -48.27 11.87 12.54
N ASN D 219 -47.33 12.76 12.87
CA ASN D 219 -47.33 13.46 14.16
C ASN D 219 -47.26 12.55 15.38
N CYS D 220 -46.68 11.36 15.23
CA CYS D 220 -46.58 10.42 16.34
C CYS D 220 -45.43 10.80 17.25
N VAL D 221 -45.55 10.42 18.52
CA VAL D 221 -44.55 10.74 19.52
C VAL D 221 -43.56 9.59 19.66
N LEU D 222 -42.27 9.93 19.62
CA LEU D 222 -41.22 8.97 19.90
C LEU D 222 -40.43 9.43 21.12
N SER D 223 -40.71 8.80 22.27
CA SER D 223 -40.01 9.11 23.52
C SER D 223 -38.85 8.12 23.68
N THR D 224 -37.63 8.64 23.60
CA THR D 224 -36.43 7.79 23.62
C THR D 224 -35.26 8.42 24.38
N PRO D 225 -34.80 7.75 25.45
CA PRO D 225 -33.54 8.09 26.08
C PRO D 225 -32.33 7.51 25.36
N GLY D 226 -32.57 6.66 24.35
CA GLY D 226 -31.49 6.02 23.63
C GLY D 226 -30.59 6.98 22.87
N ILE D 227 -29.33 6.57 22.71
CA ILE D 227 -28.30 7.31 21.98
C ILE D 227 -27.56 6.27 21.15
N PRO D 228 -27.32 6.54 19.84
CA PRO D 228 -27.80 7.67 19.02
C PRO D 228 -29.30 7.57 18.73
N CYS D 229 -29.82 8.39 17.82
CA CYS D 229 -31.27 8.43 17.62
C CYS D 229 -31.85 7.20 16.90
N ALA D 230 -33.02 6.80 17.39
CA ALA D 230 -33.70 5.57 16.97
C ALA D 230 -34.29 5.62 15.57
N ILE D 231 -34.51 6.82 15.05
CA ILE D 231 -34.85 6.99 13.64
C ILE D 231 -33.93 8.01 12.99
N SER D 232 -33.79 7.88 11.67
CA SER D 232 -33.03 8.83 10.87
C SER D 232 -33.72 10.20 10.86
N GLU D 233 -32.95 11.23 10.52
CA GLU D 233 -33.51 12.58 10.38
C GLU D 233 -34.61 12.60 9.31
N GLU D 234 -34.34 11.91 8.19
CA GLU D 234 -35.28 11.89 7.06
C GLU D 234 -36.62 11.28 7.46
N LEU D 235 -36.58 10.18 8.19
CA LEU D 235 -37.81 9.56 8.70
C LEU D 235 -38.54 10.49 9.66
N ARG D 236 -37.78 11.20 10.48
CA ARG D 236 -38.36 12.12 11.46
C ARG D 236 -39.08 13.27 10.78
N ASP D 237 -38.40 13.93 9.85
CA ASP D 237 -39.04 14.95 9.01
C ASP D 237 -40.30 14.39 8.38
N LYS D 238 -40.13 13.33 7.61
CA LYS D 238 -41.20 12.81 6.77
C LYS D 238 -42.53 12.60 7.49
N TYR D 239 -42.50 12.03 8.70
CA TYR D 239 -43.74 11.74 9.45
C TYR D 239 -44.02 12.75 10.56
N GLU D 240 -43.22 13.81 10.62
CA GLU D 240 -43.40 14.88 11.59
C GLU D 240 -43.35 14.31 13.01
N VAL D 241 -42.32 13.53 13.30
CA VAL D 241 -42.22 12.86 14.59
C VAL D 241 -41.90 13.86 15.68
N GLN D 242 -42.69 13.84 16.75
CA GLN D 242 -42.42 14.64 17.94
C GLN D 242 -41.44 13.86 18.81
N LEU D 243 -40.19 14.33 18.83
CA LEU D 243 -39.10 13.63 19.50
C LEU D 243 -38.99 14.12 20.94
N ILE D 244 -38.81 13.18 21.87
CA ILE D 244 -38.47 13.52 23.24
C ILE D 244 -37.22 12.71 23.52
N ALA D 245 -36.07 13.35 23.44
CA ALA D 245 -34.80 12.65 23.57
C ALA D 245 -33.76 13.62 24.10
N GLU D 246 -33.19 13.28 25.24
CA GLU D 246 -32.24 14.14 25.93
C GLU D 246 -31.36 13.21 26.78
N PRO D 247 -30.04 13.44 26.78
CA PRO D 247 -29.10 12.43 27.27
C PRO D 247 -28.93 12.23 28.79
N LEU D 248 -29.54 13.08 29.63
CA LEU D 248 -29.26 13.01 31.07
C LEU D 248 -30.32 13.64 32.01
N GLY D 249 -30.82 14.81 31.63
CA GLY D 249 -31.59 15.69 32.52
C GLY D 249 -32.97 15.23 32.94
N ILE D 250 -33.69 14.60 32.02
CA ILE D 250 -35.03 14.07 32.32
C ILE D 250 -34.91 12.89 33.28
N GLY D 251 -33.99 11.99 32.99
CA GLY D 251 -33.73 10.85 33.86
C GLY D 251 -33.28 11.27 35.24
N THR D 252 -32.43 12.31 35.31
CA THR D 252 -31.95 12.85 36.58
C THR D 252 -33.06 13.50 37.38
N ALA D 253 -34.00 14.13 36.68
CA ALA D 253 -35.18 14.69 37.31
C ALA D 253 -36.02 13.55 37.92
N SER D 254 -36.22 12.49 37.14
CA SER D 254 -36.96 11.33 37.62
C SER D 254 -36.34 10.77 38.90
N MET D 255 -35.01 10.69 38.95
CA MET D 255 -34.32 10.16 40.12
C MET D 255 -34.56 10.99 41.37
N LEU D 256 -34.37 12.30 41.23
CA LEU D 256 -34.44 13.21 42.37
C LEU D 256 -35.85 13.30 42.93
N TYR D 257 -36.82 13.50 42.05
CA TYR D 257 -38.20 13.60 42.47
C TYR D 257 -38.70 12.30 43.09
N SER D 258 -38.16 11.16 42.66
CA SER D 258 -38.59 9.87 43.21
C SER D 258 -38.13 9.67 44.65
N VAL D 259 -37.09 10.37 45.06
CA VAL D 259 -36.58 10.20 46.42
C VAL D 259 -37.03 11.30 47.39
N LEU D 260 -37.81 12.27 46.91
CA LEU D 260 -38.35 13.31 47.77
C LEU D 260 -39.51 12.79 48.59
PA NAD E . -17.07 1.40 15.74
O1A NAD E . -17.95 2.19 16.68
O2A NAD E . -15.71 1.96 15.42
O5B NAD E . -17.93 1.10 14.41
C5B NAD E . -19.26 0.65 14.46
C4B NAD E . -19.98 1.30 13.30
O4B NAD E . -21.25 0.66 13.10
C3B NAD E . -20.24 2.78 13.55
O3B NAD E . -19.68 3.54 12.49
C2B NAD E . -21.76 2.91 13.55
O2B NAD E . -22.27 4.07 12.89
C1B NAD E . -22.16 1.71 12.74
N9A NAD E . -23.53 1.27 12.95
C8A NAD E . -24.21 1.06 14.10
N7A NAD E . -25.46 0.60 13.82
C5A NAD E . -25.58 0.51 12.47
C6A NAD E . -26.60 0.11 11.47
N6A NAD E . -27.82 -0.32 11.80
N1A NAD E . -26.26 0.18 10.17
C2A NAD E . -25.06 0.55 9.74
N3A NAD E . -24.11 0.95 10.59
C4A NAD E . -24.29 0.94 11.92
O3 NAD E . -16.94 -0.10 16.31
PN NAD E . -15.68 -1.00 15.85
O1N NAD E . -14.48 -0.82 16.74
O2N NAD E . -15.57 -0.97 14.33
O5D NAD E . -16.25 -2.45 16.29
C5D NAD E . -17.41 -2.99 15.68
C4D NAD E . -17.82 -4.25 16.43
O4D NAD E . -16.78 -5.23 16.31
C3D NAD E . -18.08 -4.12 17.94
O3D NAD E . -19.18 -4.97 18.28
C2D NAD E . -16.85 -4.72 18.58
O2D NAD E . -17.13 -5.27 19.86
C1D NAD E . -16.59 -5.84 17.60
N1N NAD E . -15.27 -6.47 17.54
C2N NAD E . -15.23 -7.82 17.49
C3N NAD E . -14.03 -8.53 17.36
C7N NAD E . -13.99 -10.05 17.30
O7N NAD E . -12.89 -10.63 17.28
N7N NAD E . -15.11 -10.76 17.19
C4N NAD E . -12.75 -7.76 17.25
C5N NAD E . -12.95 -6.32 17.28
C6N NAD E . -14.20 -5.73 17.41
NA NA F . -23.65 -6.75 14.97
MG MG G . -12.71 -12.92 16.29
O2 2YG H . -6.57 -7.53 30.40
C11 2YG H . -7.80 -7.50 30.44
O1 2YG H . -8.49 -8.53 30.90
C 2YG H . -8.54 -6.29 29.96
N 2YG H . -7.71 -5.12 30.17
C1 2YG H . -8.84 -6.48 28.49
C2 2YG H . -9.70 -5.36 27.92
C3 2YG H . -10.13 -5.72 26.52
C4 2YG H . -11.10 -4.70 25.96
N1 2YG H . -11.31 -4.97 24.56
C5 2YG H . -12.34 -5.72 24.20
O 2YG H . -13.17 -6.14 24.97
C6 2YG H . -12.46 -6.12 22.77
N2 2YG H . -13.26 -5.12 22.09
C7 2YG H . -11.09 -6.22 22.09
C8 2YG H . -11.09 -7.37 21.13
C9 2YG H . -12.16 -7.23 20.06
C10 2YG H . -13.56 -7.73 20.43
N3 2YG H . -13.43 -9.10 20.90
C1 GOL I . -21.52 -19.10 14.20
O1 GOL I . -20.98 -18.11 15.10
C2 GOL I . -20.74 -20.39 14.40
O2 GOL I . -21.63 -21.50 14.23
C3 GOL I . -19.60 -20.47 13.39
O3 GOL I . -18.83 -19.26 13.38
C1 GOL J . -2.01 -7.93 5.12
O1 GOL J . -3.05 -7.10 5.63
C2 GOL J . -1.72 -7.60 3.67
O2 GOL J . -0.50 -8.26 3.31
C3 GOL J . -2.90 -8.07 2.83
O3 GOL J . -2.93 -7.43 1.54
C1 GOL K . -15.61 -0.33 -5.40
O1 GOL K . -14.58 -1.14 -4.81
C2 GOL K . -14.99 0.62 -6.44
O2 GOL K . -13.55 0.50 -6.39
C3 GOL K . -15.52 0.34 -7.85
O3 GOL K . -16.08 1.55 -8.40
C1 EDO L . -13.49 -19.88 28.90
O1 EDO L . -13.56 -20.91 27.92
C2 EDO L . -12.35 -18.97 28.48
O2 EDO L . -11.11 -19.48 28.98
C1 EDO M . -9.38 -12.85 -2.24
O1 EDO M . -9.04 -12.74 -3.64
C2 EDO M . -9.20 -11.48 -1.60
O2 EDO M . -10.06 -11.19 -0.49
C1 EDO N . -11.33 -19.11 -1.62
O1 EDO N . -10.26 -19.66 -0.86
C2 EDO N . -11.01 -19.05 -3.11
O2 EDO N . -11.88 -18.06 -3.66
PA NAD O . 21.20 4.82 -14.35
O1A NAD O . 22.25 4.83 -15.43
O2A NAD O . 20.81 6.03 -13.56
O5B NAD O . 21.64 3.71 -13.29
C5B NAD O . 21.99 2.42 -13.75
C4B NAD O . 23.05 1.93 -12.79
O4B NAD O . 23.32 0.55 -13.01
C3B NAD O . 24.38 2.68 -12.95
O3B NAD O . 24.72 3.28 -11.72
C2B NAD O . 25.39 1.60 -13.30
O2B NAD O . 26.63 1.74 -12.65
C1B NAD O . 24.70 0.36 -12.77
N9A NAD O . 25.23 -0.88 -13.37
C8A NAD O . 25.48 -1.17 -14.67
N7A NAD O . 25.96 -2.44 -14.75
C5A NAD O . 26.03 -2.95 -13.50
C6A NAD O . 26.45 -4.21 -12.83
N6A NAD O . 26.92 -5.25 -13.55
N1A NAD O . 26.36 -4.30 -11.49
C2A NAD O . 25.90 -3.29 -10.73
N3A NAD O . 25.50 -2.13 -11.27
C4A NAD O . 25.55 -1.91 -12.60
O3 NAD O . 19.90 4.13 -15.02
PN NAD O . 18.44 4.36 -14.39
O1N NAD O . 17.80 5.67 -14.74
O2N NAD O . 18.57 4.03 -12.92
O5D NAD O . 17.68 3.17 -15.19
C5D NAD O . 18.03 1.81 -14.91
C4D NAD O . 17.29 0.86 -15.83
O4D NAD O . 15.89 1.00 -15.62
C3D NAD O . 17.48 1.12 -17.33
O3D NAD O . 17.50 -0.12 -18.04
C2D NAD O . 16.23 1.87 -17.74
O2D NAD O . 15.93 1.75 -19.13
C1D NAD O . 15.23 1.15 -16.89
N1N NAD O . 13.95 1.80 -16.65
C2N NAD O . 12.86 1.05 -16.78
C3N NAD O . 11.58 1.52 -16.53
C7N NAD O . 10.35 0.60 -16.66
O7N NAD O . 9.23 1.10 -16.54
N7N NAD O . 10.46 -0.74 -16.84
C4N NAD O . 11.50 2.87 -16.14
C5N NAD O . 12.66 3.67 -16.02
C6N NAD O . 13.90 3.11 -16.28
NA NA P . 19.02 -5.42 -16.19
MG MG Q . 7.39 -0.52 -15.47
O2 2YG R . 7.10 11.03 -27.22
C11 2YG R . 7.84 10.10 -27.46
O1 2YG R . 7.37 9.05 -28.18
C 2YG R . 9.25 10.13 -26.94
N 2YG R . 9.74 11.50 -26.75
C1 2YG R . 9.28 9.38 -25.62
C2 2YG R . 10.70 9.32 -25.08
C3 2YG R . 10.81 8.29 -23.98
C4 2YG R . 12.27 8.16 -23.54
N1 2YG R . 12.34 7.50 -22.26
C5 2YG R . 12.33 6.18 -22.14
O 2YG R . 12.36 5.40 -23.09
C6 2YG R . 12.20 5.67 -20.74
N2 2YG R . 13.31 6.07 -19.90
C7 2YG R . 10.95 6.24 -20.11
C8 2YG R . 10.61 5.46 -18.87
C9 2YG R . 10.17 4.05 -19.24
C10 2YG R . 11.27 3.01 -19.00
N3 2YG R . 12.13 2.79 -20.12
C1 GOL S . -12.35 6.85 -23.02
O1 GOL S . -11.16 6.79 -22.21
C2 GOL S . -13.42 5.84 -22.60
O2 GOL S . -13.99 6.19 -21.31
C3 GOL S . -14.57 5.80 -23.63
O3 GOL S . -15.86 6.16 -23.11
C1 PEG T . 9.55 19.68 -26.39
O1 PEG T . 9.84 19.50 -27.77
C2 PEG T . 8.05 19.85 -26.15
O2 PEG T . 7.76 20.13 -24.77
C3 PEG T . 6.36 19.93 -24.62
C4 PEG T . 5.80 20.71 -23.45
O4 PEG T . 6.75 20.53 -22.40
PA NAD U . 25.82 -3.45 -29.91
O1A NAD U . 24.60 -3.26 -29.04
O2A NAD U . 25.71 -3.66 -31.40
O5B NAD U . 26.70 -4.64 -29.29
C5B NAD U . 26.69 -4.85 -27.89
C4B NAD U . 26.59 -6.34 -27.65
O4B NAD U . 26.97 -6.57 -26.30
C3B NAD U . 25.18 -6.90 -27.81
O3B NAD U . 25.21 -7.99 -28.73
C2B NAD U . 24.79 -7.34 -26.42
O2B NAD U . 24.01 -8.53 -26.43
C1B NAD U . 26.13 -7.58 -25.77
N9A NAD U . 26.16 -7.54 -24.29
C8A NAD U . 25.62 -6.65 -23.44
N7A NAD U . 25.91 -7.00 -22.16
C5A NAD U . 26.65 -8.11 -22.19
C6A NAD U . 27.31 -9.03 -21.22
N6A NAD U . 27.21 -8.79 -19.91
N1A NAD U . 27.99 -10.08 -21.70
C2A NAD U . 28.10 -10.33 -23.02
N3A NAD U . 27.53 -9.55 -23.95
C4A NAD U . 26.81 -8.45 -23.60
O3 NAD U . 26.78 -2.20 -29.58
PN NAD U . 28.08 -1.94 -30.46
O1N NAD U . 27.67 -0.95 -31.52
O2N NAD U . 28.66 -3.26 -30.88
O5D NAD U . 29.07 -1.22 -29.40
C5D NAD U . 29.65 -1.89 -28.29
C4D NAD U . 30.39 -0.90 -27.39
O4D NAD U . 31.41 -0.22 -28.13
C3D NAD U . 29.45 0.18 -26.90
O3D NAD U . 29.78 0.49 -25.54
C2D NAD U . 29.75 1.35 -27.80
O2D NAD U . 29.37 2.62 -27.24
C1D NAD U . 31.25 1.20 -27.97
N1N NAD U . 31.86 2.00 -29.04
C2N NAD U . 33.10 2.48 -28.79
C3N NAD U . 33.81 3.25 -29.70
C7N NAD U . 35.21 3.78 -29.38
O7N NAD U . 35.86 4.34 -30.25
N7N NAD U . 35.75 3.59 -28.16
C4N NAD U . 33.19 3.54 -30.92
C5N NAD U . 31.91 3.05 -31.17
C6N NAD U . 31.26 2.27 -30.21
NA NA V . 32.33 -2.43 -21.52
MG MG W . 38.61 4.30 -29.75
O2 2YG X . 28.17 16.42 -32.59
C11 2YG X . 27.68 15.64 -33.56
O1 2YG X . 27.92 15.94 -34.72
C 2YG X . 26.86 14.40 -33.21
N 2YG X . 25.85 14.15 -34.22
C1 2YG X . 27.79 13.18 -33.05
C2 2YG X . 27.07 11.88 -32.67
C3 2YG X . 28.07 10.75 -32.39
C4 2YG X . 27.41 9.38 -32.20
N1 2YG X . 28.31 8.24 -32.12
C5 2YG X . 28.89 7.83 -30.98
O 2YG X . 28.78 8.45 -29.93
C6 2YG X . 29.65 6.52 -30.99
N2 2YG X . 30.66 6.52 -32.02
C7 2YG X . 30.37 6.25 -29.67
PA NAD Y . -29.65 -2.69 27.68
O1A NAD Y . -28.55 -3.32 26.86
O2A NAD Y . -29.94 -3.17 29.08
O5B NAD Y . -31.01 -2.85 26.84
C5B NAD Y . -31.06 -2.41 25.49
C4B NAD Y . -31.84 -3.41 24.66
O4B NAD Y . -32.00 -2.95 23.31
C3B NAD Y . -31.17 -4.78 24.57
O3B NAD Y . -31.99 -5.75 25.24
C2B NAD Y . -31.05 -5.07 23.09
O2B NAD Y . -31.38 -6.42 22.76
C1B NAD Y . -32.08 -4.12 22.50
N9A NAD Y . -31.92 -3.83 21.05
C8A NAD Y . -30.78 -3.48 20.39
N7A NAD Y . -31.05 -3.30 19.07
C5A NAD Y . -32.37 -3.53 18.88
C6A NAD Y . -33.30 -3.52 17.74
N6A NAD Y . -32.84 -3.20 16.52
N1A NAD Y . -34.60 -3.83 17.95
C2A NAD Y . -35.05 -4.14 19.19
N3A NAD Y . -34.24 -4.17 20.27
C4A NAD Y . -32.93 -3.88 20.18
O3 NAD Y . -29.48 -1.09 27.71
PN NAD Y . -30.19 -0.13 28.80
O1N NAD Y . -29.36 -0.16 30.05
O2N NAD Y . -31.68 -0.43 28.88
O5D NAD Y . -30.01 1.33 28.13
C5D NAD Y . -30.61 1.57 26.86
C4D NAD Y . -30.22 2.93 26.30
O4D NAD Y . -30.63 3.97 27.21
C3D NAD Y . -28.71 3.09 26.13
O3D NAD Y . -28.45 3.72 24.89
C2D NAD Y . -28.29 3.99 27.27
O2D NAD Y . -27.14 4.79 26.97
C1D NAD Y . -29.53 4.85 27.42
N1N NAD Y . -29.61 5.61 28.67
C2N NAD Y . -30.12 6.85 28.57
C3N NAD Y . -30.27 7.70 29.65
C7N NAD Y . -30.84 9.10 29.45
O7N NAD Y . -31.35 9.68 30.40
N7N NAD Y . -30.81 9.69 28.24
C4N NAD Y . -29.87 7.23 30.91
C5N NAD Y . -29.35 5.95 31.01
C6N NAD Y . -29.23 5.14 29.87
NA NA Z . -31.38 4.55 19.99
MG MG AA . -32.41 12.48 29.81
O2 2YG BA . -17.78 11.44 36.25
C11 2YG BA . -18.05 10.48 36.95
O1 2YG BA . -18.23 10.67 38.25
C 2YG BA . -18.18 9.10 36.35
N 2YG BA . -17.75 8.14 37.34
C1 2YG BA . -19.63 8.87 35.94
C2 2YG BA . -19.91 7.56 35.20
C3 2YG BA . -21.27 7.72 34.49
C4 2YG BA . -21.92 6.45 33.94
N1 2YG BA . -23.33 6.71 33.65
C5 2YG BA . -23.79 7.03 32.43
O 2YG BA . -23.05 7.09 31.45
C6 2YG BA . -25.25 7.36 32.25
N2 2YG BA . -26.10 6.21 32.48
C7 2YG BA . -25.67 8.47 33.21
#